data_5AHM
#
_entry.id   5AHM
#
_cell.length_a   103.600
_cell.length_b   103.600
_cell.length_c   158.400
_cell.angle_alpha   90.00
_cell.angle_beta   90.00
_cell.angle_gamma   90.00
#
_symmetry.space_group_name_H-M   'I 4'
#
loop_
_entity.id
_entity.type
_entity.pdbx_description
1 polymer "INOSINE-5'-MONOPHOSPHATE DEHYDROGENASE"
2 non-polymer 'INOSINIC ACID'
3 non-polymer 'PHOSPHATE ION'
4 water water
#
_entity_poly.entity_id   1
_entity_poly.type   'polypeptide(L)'
_entity_poly.pdbx_seq_one_letter_code
;MGSSHHHHHHSSGLVPRGSHMLRISQEALTFDDVLLIPGYSEVLPKDVSLKTRLTRGIELNIPLVSAAMDTVTEARLAIA
MAQEGGIGIIHKNMGIEQQAAEVRKVKKHETAKAKTYPLASKDEQGRLRVGAAVGTGADTGERVAALVAAGVDVVVVDTA
HGHSKGVIERVRWVKQTFPDVQVIGGNIATAEAAKALAEAGADAVKVGIGPGSICTTRIVAGVGVPQISAIANVAAALEG
TGVPLIADGGIRFSGDLAKAMVAGAYCVMMGSMFAGTEEAPGEIELFQGRSYKSYRGMGSLGAMSGSQGSSDRYFQDASA
GAEKLVPEGIEGRVPYKGALSAIVHQLMGGLRAAMGYTGSADIQQMRTQPQFVRITGAGMAESHVHDVQITKEAPNYRVG
;
_entity_poly.pdbx_strand_id   A,B
#
# COMPACT_ATOMS: atom_id res chain seq x y z
N MET A 21 -47.79 -9.77 23.83
CA MET A 21 -48.72 -9.45 22.76
C MET A 21 -48.05 -9.53 21.39
N LEU A 22 -46.78 -9.17 21.31
CA LEU A 22 -46.00 -9.30 20.07
C LEU A 22 -45.76 -10.75 19.67
N ARG A 23 -45.76 -11.03 18.37
CA ARG A 23 -45.46 -12.37 17.87
C ARG A 23 -43.97 -12.52 17.69
N ILE A 24 -43.26 -12.82 18.78
CA ILE A 24 -41.80 -12.97 18.74
C ILE A 24 -41.42 -14.43 18.86
N SER A 25 -40.70 -14.96 17.87
CA SER A 25 -40.35 -16.37 17.86
CA SER A 25 -40.35 -16.37 17.86
C SER A 25 -39.20 -16.69 18.80
N GLN A 26 -38.22 -15.80 18.85
CA GLN A 26 -37.02 -16.04 19.66
C GLN A 26 -36.22 -14.76 19.78
N GLU A 27 -35.29 -14.73 20.72
CA GLU A 27 -34.19 -13.77 20.67
C GLU A 27 -33.14 -14.33 19.71
N ALA A 28 -32.59 -13.47 18.86
CA ALA A 28 -31.61 -13.95 17.87
C ALA A 28 -30.29 -13.22 18.06
N LEU A 29 -29.17 -13.93 17.87
CA LEU A 29 -27.84 -13.40 18.19
C LEU A 29 -27.01 -13.24 16.94
N THR A 30 -26.04 -12.35 16.97
CA THR A 30 -25.05 -12.31 15.91
C THR A 30 -23.64 -12.41 16.49
N PHE A 31 -22.62 -12.16 15.67
CA PHE A 31 -21.24 -12.49 16.04
C PHE A 31 -20.80 -11.83 17.33
N ASP A 32 -21.07 -10.53 17.46
CA ASP A 32 -20.59 -9.79 18.63
C ASP A 32 -21.34 -10.12 19.93
N ASP A 33 -22.35 -10.99 19.85
CA ASP A 33 -23.09 -11.43 21.03
C ASP A 33 -22.47 -12.65 21.70
N VAL A 34 -21.52 -13.29 21.04
CA VAL A 34 -21.01 -14.54 21.57
C VAL A 34 -19.49 -14.63 21.50
N LEU A 35 -18.91 -15.47 22.36
CA LEU A 35 -17.48 -15.83 22.27
C LEU A 35 -17.32 -17.33 22.40
N LEU A 36 -16.27 -17.87 21.79
CA LEU A 36 -15.97 -19.29 21.90
C LEU A 36 -15.26 -19.59 23.20
N ILE A 37 -15.67 -20.67 23.86
CA ILE A 37 -15.01 -21.11 25.09
C ILE A 37 -13.81 -22.01 24.80
N PRO A 38 -12.64 -21.69 25.38
CA PRO A 38 -11.49 -22.61 25.21
C PRO A 38 -11.78 -23.98 25.78
N GLY A 39 -11.19 -25.01 25.18
CA GLY A 39 -11.34 -26.37 25.65
C GLY A 39 -9.97 -27.04 25.63
N TYR A 40 -9.89 -28.23 26.19
CA TYR A 40 -8.64 -28.96 26.23
C TYR A 40 -8.09 -29.23 24.83
N SER A 41 -6.83 -28.91 24.61
CA SER A 41 -6.26 -29.05 23.27
C SER A 41 -4.98 -29.86 23.22
N GLU A 42 -4.89 -30.76 22.25
CA GLU A 42 -3.63 -31.44 22.02
CA GLU A 42 -3.66 -31.51 21.99
C GLU A 42 -3.19 -31.34 20.56
N VAL A 43 -3.98 -30.67 19.73
CA VAL A 43 -3.58 -30.45 18.34
C VAL A 43 -3.29 -28.98 18.10
N LEU A 44 -2.06 -28.69 17.72
CA LEU A 44 -1.62 -27.31 17.46
CA LEU A 44 -1.63 -27.31 17.48
C LEU A 44 -2.33 -26.70 16.26
N PRO A 45 -2.50 -25.36 16.27
CA PRO A 45 -3.15 -24.66 15.15
C PRO A 45 -2.56 -25.01 13.78
N LYS A 46 -1.24 -25.20 13.70
CA LYS A 46 -0.62 -25.52 12.42
C LYS A 46 -0.96 -26.92 11.93
N ASP A 47 -1.51 -27.76 12.80
CA ASP A 47 -1.75 -29.16 12.47
C ASP A 47 -3.23 -29.51 12.28
N VAL A 48 -4.13 -28.58 12.54
CA VAL A 48 -5.54 -28.93 12.33
C VAL A 48 -5.87 -29.00 10.84
N SER A 49 -6.99 -29.66 10.52
CA SER A 49 -7.47 -29.78 9.15
C SER A 49 -8.53 -28.73 8.86
N LEU A 50 -8.44 -28.07 7.70
CA LEU A 50 -9.42 -27.02 7.35
C LEU A 50 -10.37 -27.51 6.26
N LYS A 51 -10.25 -28.77 5.84
CA LYS A 51 -11.07 -29.28 4.73
C LYS A 51 -12.56 -29.27 5.07
N THR A 52 -13.39 -28.97 4.08
CA THR A 52 -14.82 -28.88 4.32
C THR A 52 -15.56 -29.10 2.99
N ARG A 53 -16.85 -28.78 2.94
CA ARG A 53 -17.59 -28.88 1.68
C ARG A 53 -18.29 -27.57 1.35
N LEU A 54 -18.36 -27.28 0.04
CA LEU A 54 -19.19 -26.23 -0.50
C LEU A 54 -20.59 -26.77 -0.73
N THR A 55 -20.64 -27.97 -1.33
CA THR A 55 -21.92 -28.60 -1.66
C THR A 55 -21.75 -30.11 -1.45
N ARG A 56 -22.82 -30.87 -1.65
CA ARG A 56 -22.73 -32.32 -1.55
C ARG A 56 -21.56 -32.84 -2.37
N GLY A 57 -21.44 -32.33 -3.59
CA GLY A 57 -20.44 -32.83 -4.52
C GLY A 57 -19.11 -32.09 -4.62
N ILE A 58 -18.97 -30.95 -3.92
CA ILE A 58 -17.74 -30.17 -4.08
C ILE A 58 -17.03 -29.98 -2.74
N GLU A 59 -15.81 -30.51 -2.66
CA GLU A 59 -14.98 -30.31 -1.48
C GLU A 59 -14.18 -29.01 -1.57
N LEU A 60 -13.90 -28.37 -0.43
CA LEU A 60 -12.99 -27.23 -0.39
C LEU A 60 -11.90 -27.53 0.62
N ASN A 61 -10.67 -27.14 0.30
CA ASN A 61 -9.58 -27.30 1.25
C ASN A 61 -9.55 -26.22 2.33
N ILE A 62 -10.20 -25.08 2.08
CA ILE A 62 -10.38 -24.06 3.10
C ILE A 62 -11.81 -23.53 2.97
N PRO A 63 -12.42 -23.16 4.10
CA PRO A 63 -13.84 -22.80 4.13
C PRO A 63 -14.18 -21.38 3.63
N LEU A 64 -13.62 -20.98 2.49
CA LEU A 64 -13.82 -19.62 1.98
C LEU A 64 -14.46 -19.57 0.60
N VAL A 65 -15.47 -18.72 0.46
CA VAL A 65 -16.13 -18.47 -0.83
C VAL A 65 -16.16 -16.96 -1.07
N SER A 66 -15.87 -16.52 -2.30
CA SER A 66 -15.98 -15.10 -2.59
C SER A 66 -17.36 -14.78 -3.20
N ALA A 67 -17.90 -13.63 -2.80
CA ALA A 67 -19.26 -13.22 -3.12
C ALA A 67 -19.47 -12.95 -4.61
N ALA A 68 -20.67 -13.23 -5.09
CA ALA A 68 -21.03 -13.02 -6.49
C ALA A 68 -21.43 -11.57 -6.73
N MET A 69 -20.45 -10.68 -6.65
CA MET A 69 -20.69 -9.23 -6.73
C MET A 69 -19.74 -8.63 -7.75
N ASP A 70 -20.17 -7.60 -8.49
CA ASP A 70 -19.34 -7.13 -9.59
C ASP A 70 -18.13 -6.30 -9.15
N THR A 71 -17.96 -6.12 -7.83
CA THR A 71 -16.75 -5.52 -7.30
C THR A 71 -15.91 -6.53 -6.52
N VAL A 72 -16.31 -7.81 -6.59
CA VAL A 72 -15.61 -8.86 -5.87
C VAL A 72 -15.10 -9.97 -6.79
N THR A 73 -15.98 -10.66 -7.50
CA THR A 73 -15.54 -11.87 -8.21
C THR A 73 -15.76 -11.86 -9.72
N GLU A 74 -14.67 -11.74 -10.45
CA GLU A 74 -14.65 -12.14 -11.85
C GLU A 74 -13.53 -13.15 -12.00
N ALA A 75 -13.07 -13.41 -13.22
CA ALA A 75 -12.18 -14.55 -13.42
C ALA A 75 -10.89 -14.47 -12.58
N ARG A 76 -10.29 -13.30 -12.52
CA ARG A 76 -8.99 -13.17 -11.85
CA ARG A 76 -9.00 -13.14 -11.84
C ARG A 76 -9.07 -13.57 -10.38
N LEU A 77 -10.07 -13.04 -9.68
CA LEU A 77 -10.22 -13.38 -8.27
C LEU A 77 -10.70 -14.84 -8.12
N ALA A 78 -11.57 -15.31 -9.01
CA ALA A 78 -12.04 -16.70 -8.91
C ALA A 78 -10.89 -17.70 -9.09
N ILE A 79 -9.96 -17.38 -9.98
CA ILE A 79 -8.78 -18.23 -10.17
C ILE A 79 -7.99 -18.31 -8.88
N ALA A 80 -7.76 -17.16 -8.27
CA ALA A 80 -6.97 -17.08 -7.04
C ALA A 80 -7.66 -17.82 -5.88
N MET A 81 -8.97 -17.61 -5.74
CA MET A 81 -9.73 -18.31 -4.70
C MET A 81 -9.61 -19.82 -4.84
N ALA A 82 -9.75 -20.32 -6.06
CA ALA A 82 -9.62 -21.75 -6.26
C ALA A 82 -8.21 -22.23 -5.97
N GLN A 83 -7.21 -21.45 -6.37
CA GLN A 83 -5.82 -21.80 -6.13
C GLN A 83 -5.54 -21.90 -4.63
N GLU A 84 -6.18 -21.05 -3.85
CA GLU A 84 -6.00 -21.06 -2.39
C GLU A 84 -6.72 -22.21 -1.69
N GLY A 85 -7.62 -22.88 -2.42
CA GLY A 85 -8.38 -23.98 -1.84
C GLY A 85 -9.84 -23.65 -1.52
N GLY A 86 -10.26 -22.44 -1.86
CA GLY A 86 -11.66 -22.06 -1.73
C GLY A 86 -12.29 -22.03 -3.12
N ILE A 87 -13.23 -21.12 -3.35
CA ILE A 87 -13.89 -20.99 -4.66
C ILE A 87 -14.50 -19.60 -4.82
N GLY A 88 -14.59 -19.14 -6.07
CA GLY A 88 -15.22 -17.88 -6.38
C GLY A 88 -16.53 -18.10 -7.11
N ILE A 89 -17.52 -17.25 -6.85
CA ILE A 89 -18.78 -17.26 -7.56
C ILE A 89 -18.83 -16.02 -8.46
N ILE A 90 -18.70 -16.23 -9.77
CA ILE A 90 -18.72 -15.11 -10.71
C ILE A 90 -20.10 -14.45 -10.73
N HIS A 91 -20.12 -13.12 -10.66
CA HIS A 91 -21.37 -12.36 -10.57
C HIS A 91 -22.12 -12.37 -11.90
N LYS A 92 -23.41 -12.04 -11.83
CA LYS A 92 -24.28 -12.07 -13.02
C LYS A 92 -24.65 -10.69 -13.57
N ASN A 93 -23.97 -9.63 -13.10
CA ASN A 93 -24.23 -8.29 -13.63
C ASN A 93 -23.42 -8.06 -14.91
N MET A 94 -23.61 -8.96 -15.86
CA MET A 94 -22.97 -8.87 -17.16
C MET A 94 -23.75 -9.73 -18.13
N GLY A 95 -23.49 -9.59 -19.42
CA GLY A 95 -24.17 -10.38 -20.42
C GLY A 95 -23.91 -11.86 -20.22
N ILE A 96 -24.79 -12.69 -20.76
CA ILE A 96 -24.67 -14.13 -20.64
C ILE A 96 -23.37 -14.63 -21.27
N GLU A 97 -23.09 -14.20 -22.51
CA GLU A 97 -21.86 -14.59 -23.18
C GLU A 97 -20.65 -14.19 -22.34
N GLN A 98 -20.70 -12.99 -21.78
CA GLN A 98 -19.60 -12.46 -20.98
C GLN A 98 -19.39 -13.28 -19.70
N GLN A 99 -20.48 -13.64 -19.03
CA GLN A 99 -20.37 -14.45 -17.81
C GLN A 99 -19.82 -15.84 -18.12
N ALA A 100 -20.25 -16.43 -19.22
CA ALA A 100 -19.73 -17.73 -19.64
C ALA A 100 -18.24 -17.65 -19.96
N ALA A 101 -17.82 -16.54 -20.57
CA ALA A 101 -16.42 -16.34 -20.93
C ALA A 101 -15.54 -16.26 -19.69
N GLU A 102 -16.07 -15.65 -18.63
CA GLU A 102 -15.36 -15.60 -17.34
C GLU A 102 -15.19 -17.00 -16.76
N VAL A 103 -16.25 -17.78 -16.82
CA VAL A 103 -16.17 -19.16 -16.35
C VAL A 103 -15.11 -19.93 -17.14
N ARG A 104 -15.12 -19.76 -18.46
CA ARG A 104 -14.15 -20.47 -19.30
C ARG A 104 -12.70 -20.08 -18.97
N LYS A 105 -12.47 -18.80 -18.69
CA LYS A 105 -11.14 -18.34 -18.27
C LYS A 105 -10.63 -19.14 -17.07
N VAL A 106 -11.51 -19.33 -16.08
CA VAL A 106 -11.10 -20.09 -14.89
C VAL A 106 -10.83 -21.55 -15.23
N LYS A 107 -11.73 -22.18 -15.98
CA LYS A 107 -11.59 -23.59 -16.28
C LYS A 107 -10.33 -23.86 -17.11
N LYS A 108 -9.93 -22.92 -17.96
CA LYS A 108 -8.82 -23.13 -18.88
C LYS A 108 -7.47 -22.68 -18.30
N HIS A 109 -7.51 -22.04 -17.13
CA HIS A 109 -6.29 -21.47 -16.56
C HIS A 109 -5.30 -22.55 -16.14
N GLU A 110 -4.05 -22.39 -16.57
CA GLU A 110 -3.03 -23.37 -16.22
C GLU A 110 -2.01 -22.77 -15.29
N THR A 111 -1.59 -23.58 -14.32
CA THR A 111 -0.61 -23.16 -13.34
C THR A 111 0.75 -22.93 -13.97
N ALA A 112 1.37 -21.84 -13.59
CA ALA A 112 2.66 -21.44 -14.14
C ALA A 112 3.84 -22.31 -13.64
N LYS A 113 4.72 -22.73 -14.58
CA LYS A 113 6.20 -22.92 -14.37
C LYS A 113 6.60 -23.37 -12.99
N ALA A 114 6.86 -22.40 -12.13
CA ALA A 114 7.51 -22.64 -10.85
C ALA A 114 6.56 -22.40 -9.69
N LYS A 115 5.39 -21.84 -9.97
CA LYS A 115 4.37 -21.67 -8.93
C LYS A 115 3.63 -22.99 -8.74
N THR A 116 3.37 -23.36 -7.50
CA THR A 116 2.56 -24.54 -7.21
C THR A 116 1.50 -24.18 -6.18
N TYR A 117 0.32 -24.77 -6.34
CA TYR A 117 -0.80 -24.52 -5.42
C TYR A 117 -1.34 -25.85 -4.91
N PRO A 118 -0.72 -26.36 -3.84
CA PRO A 118 -1.03 -27.71 -3.36
C PRO A 118 -2.47 -27.86 -2.86
N LEU A 119 -3.11 -26.76 -2.52
CA LEU A 119 -4.47 -26.83 -1.99
C LEU A 119 -5.55 -26.55 -3.03
N ALA A 120 -5.16 -26.34 -4.28
CA ALA A 120 -6.10 -25.86 -5.31
C ALA A 120 -7.37 -26.71 -5.43
N SER A 121 -8.51 -26.02 -5.51
CA SER A 121 -9.81 -26.65 -5.73
C SER A 121 -9.92 -27.01 -7.20
N LYS A 122 -9.94 -28.31 -7.48
CA LYS A 122 -9.95 -28.78 -8.87
C LYS A 122 -11.01 -29.83 -9.12
N ASP A 123 -11.51 -29.89 -10.35
CA ASP A 123 -12.50 -30.90 -10.68
C ASP A 123 -11.83 -32.20 -11.07
N GLU A 124 -12.62 -33.19 -11.48
CA GLU A 124 -12.10 -34.53 -11.80
C GLU A 124 -11.08 -34.46 -12.93
N GLN A 125 -11.20 -33.43 -13.79
CA GLN A 125 -10.31 -33.30 -14.94
C GLN A 125 -9.08 -32.49 -14.62
N GLY A 126 -8.95 -32.05 -13.37
CA GLY A 126 -7.79 -31.27 -12.96
C GLY A 126 -7.90 -29.79 -13.21
N ARG A 127 -9.09 -29.32 -13.58
CA ARG A 127 -9.33 -27.90 -13.86
C ARG A 127 -9.78 -27.17 -12.61
N LEU A 128 -9.40 -25.90 -12.45
CA LEU A 128 -9.82 -25.10 -11.29
C LEU A 128 -11.33 -25.02 -11.21
N ARG A 129 -11.88 -25.14 -10.01
CA ARG A 129 -13.32 -25.07 -9.79
C ARG A 129 -13.79 -23.63 -9.82
N VAL A 130 -15.02 -23.41 -10.26
CA VAL A 130 -15.62 -22.09 -10.24
C VAL A 130 -17.14 -22.19 -10.17
N GLY A 131 -17.77 -21.23 -9.51
CA GLY A 131 -19.21 -21.13 -9.54
C GLY A 131 -19.69 -19.89 -10.29
N ALA A 132 -20.99 -19.83 -10.54
CA ALA A 132 -21.57 -18.64 -11.15
C ALA A 132 -22.99 -18.44 -10.72
N ALA A 133 -23.38 -17.17 -10.54
CA ALA A 133 -24.71 -16.83 -10.08
C ALA A 133 -25.71 -16.65 -11.22
N VAL A 134 -26.94 -17.05 -10.97
CA VAL A 134 -28.08 -16.72 -11.83
C VAL A 134 -29.23 -16.24 -10.94
N GLY A 135 -30.22 -15.57 -11.53
CA GLY A 135 -31.42 -15.18 -10.81
C GLY A 135 -32.61 -16.05 -11.16
N THR A 136 -33.79 -15.45 -11.18
CA THR A 136 -34.98 -16.20 -11.58
C THR A 136 -35.74 -15.51 -12.73
N GLY A 137 -35.16 -14.45 -13.28
CA GLY A 137 -35.80 -13.68 -14.34
C GLY A 137 -35.74 -14.35 -15.70
N ALA A 138 -36.15 -13.61 -16.73
CA ALA A 138 -36.40 -14.17 -18.05
C ALA A 138 -35.16 -14.77 -18.73
N ASP A 139 -33.97 -14.28 -18.40
CA ASP A 139 -32.82 -14.79 -19.14
C ASP A 139 -32.17 -15.99 -18.44
N THR A 140 -32.82 -16.49 -17.39
CA THR A 140 -32.19 -17.49 -16.53
C THR A 140 -31.95 -18.84 -17.22
N GLY A 141 -32.92 -19.31 -17.99
CA GLY A 141 -32.73 -20.59 -18.67
C GLY A 141 -31.54 -20.57 -19.59
N GLU A 142 -31.42 -19.52 -20.39
CA GLU A 142 -30.27 -19.38 -21.30
C GLU A 142 -28.97 -19.16 -20.54
N ARG A 143 -29.02 -18.37 -19.47
CA ARG A 143 -27.82 -18.10 -18.69
C ARG A 143 -27.28 -19.38 -18.07
N VAL A 144 -28.14 -20.15 -17.42
CA VAL A 144 -27.73 -21.42 -16.84
C VAL A 144 -27.14 -22.34 -17.93
N ALA A 145 -27.83 -22.44 -19.06
CA ALA A 145 -27.32 -23.33 -20.10
C ALA A 145 -25.94 -22.93 -20.58
N ALA A 146 -25.71 -21.63 -20.73
CA ALA A 146 -24.42 -21.12 -21.17
C ALA A 146 -23.34 -21.40 -20.13
N LEU A 147 -23.65 -21.17 -18.86
CA LEU A 147 -22.67 -21.41 -17.80
C LEU A 147 -22.31 -22.89 -17.70
N VAL A 148 -23.31 -23.76 -17.82
CA VAL A 148 -23.05 -25.19 -17.78
C VAL A 148 -22.18 -25.63 -18.97
N ALA A 149 -22.49 -25.14 -20.17
CA ALA A 149 -21.67 -25.46 -21.36
C ALA A 149 -20.24 -24.96 -21.20
N ALA A 150 -20.06 -23.87 -20.48
CA ALA A 150 -18.74 -23.30 -20.22
C ALA A 150 -17.93 -24.09 -19.18
N GLY A 151 -18.55 -25.10 -18.57
CA GLY A 151 -17.86 -25.95 -17.62
C GLY A 151 -17.99 -25.53 -16.16
N VAL A 152 -18.94 -24.66 -15.84
CA VAL A 152 -19.09 -24.22 -14.43
C VAL A 152 -19.34 -25.42 -13.51
N ASP A 153 -18.79 -25.37 -12.29
CA ASP A 153 -18.92 -26.48 -11.36
C ASP A 153 -20.20 -26.42 -10.54
N VAL A 154 -20.69 -25.20 -10.32
CA VAL A 154 -21.87 -25.04 -9.49
C VAL A 154 -22.61 -23.79 -9.91
N VAL A 155 -23.92 -23.94 -10.08
CA VAL A 155 -24.82 -22.85 -10.40
C VAL A 155 -25.44 -22.36 -9.10
N VAL A 156 -25.32 -21.07 -8.83
CA VAL A 156 -25.88 -20.50 -7.61
C VAL A 156 -27.14 -19.72 -7.92
N VAL A 157 -28.28 -20.29 -7.56
CA VAL A 157 -29.53 -19.59 -7.80
C VAL A 157 -29.60 -18.61 -6.65
N ASP A 158 -29.39 -17.35 -6.95
CA ASP A 158 -29.05 -16.34 -5.96
C ASP A 158 -30.02 -15.16 -5.94
N THR A 159 -30.86 -15.08 -4.93
CA THR A 159 -31.81 -13.97 -4.86
C THR A 159 -31.86 -13.44 -3.44
N ALA A 160 -32.59 -12.34 -3.30
CA ALA A 160 -32.76 -11.71 -2.02
C ALA A 160 -33.61 -12.56 -1.10
N HIS A 161 -34.48 -13.38 -1.69
CA HIS A 161 -35.40 -14.17 -0.89
C HIS A 161 -35.53 -15.57 -1.51
N GLY A 162 -34.65 -16.47 -1.07
CA GLY A 162 -34.65 -17.83 -1.54
C GLY A 162 -35.86 -18.66 -1.15
N HIS A 163 -36.56 -18.28 -0.08
CA HIS A 163 -37.72 -19.03 0.38
C HIS A 163 -38.96 -18.58 -0.42
N SER A 164 -38.92 -18.84 -1.72
CA SER A 164 -39.94 -18.31 -2.62
C SER A 164 -40.23 -19.33 -3.73
N LYS A 165 -41.43 -19.25 -4.26
CA LYS A 165 -41.83 -20.16 -5.33
C LYS A 165 -40.86 -20.12 -6.49
N GLY A 166 -40.46 -18.91 -6.89
CA GLY A 166 -39.55 -18.73 -8.00
C GLY A 166 -38.21 -19.45 -7.87
N VAL A 167 -37.59 -19.33 -6.71
CA VAL A 167 -36.27 -19.93 -6.50
C VAL A 167 -36.39 -21.45 -6.39
N ILE A 168 -37.41 -21.90 -5.67
CA ILE A 168 -37.62 -23.33 -5.48
C ILE A 168 -37.84 -24.03 -6.83
N GLU A 169 -38.65 -23.41 -7.68
CA GLU A 169 -38.96 -24.03 -8.96
C GLU A 169 -37.74 -23.95 -9.89
N ARG A 170 -36.95 -22.87 -9.81
CA ARG A 170 -35.76 -22.78 -10.63
C ARG A 170 -34.68 -23.79 -10.17
N VAL A 171 -34.51 -23.96 -8.87
CA VAL A 171 -33.56 -24.97 -8.40
C VAL A 171 -33.93 -26.37 -8.94
N ARG A 172 -35.20 -26.71 -8.85
CA ARG A 172 -35.70 -27.98 -9.40
C ARG A 172 -35.39 -28.10 -10.87
N TRP A 173 -35.62 -27.02 -11.60
CA TRP A 173 -35.42 -27.05 -13.05
C TRP A 173 -33.96 -27.27 -13.41
N VAL A 174 -33.05 -26.65 -12.66
CA VAL A 174 -31.63 -26.84 -12.98
C VAL A 174 -31.21 -28.29 -12.71
N LYS A 175 -31.65 -28.83 -11.59
CA LYS A 175 -31.34 -30.22 -11.23
C LYS A 175 -31.83 -31.21 -12.28
N GLN A 176 -33.02 -30.96 -12.81
CA GLN A 176 -33.60 -31.84 -13.85
C GLN A 176 -32.93 -31.65 -15.20
N THR A 177 -32.71 -30.40 -15.56
CA THR A 177 -32.26 -30.07 -16.92
C THR A 177 -30.78 -30.34 -17.16
N PHE A 178 -29.97 -30.06 -16.14
CA PHE A 178 -28.53 -30.23 -16.22
C PHE A 178 -28.07 -31.09 -15.05
N PRO A 179 -28.22 -32.42 -15.20
CA PRO A 179 -28.09 -33.33 -14.06
C PRO A 179 -26.67 -33.47 -13.54
N ASP A 180 -25.68 -32.99 -14.27
CA ASP A 180 -24.30 -33.16 -13.84
C ASP A 180 -23.72 -31.94 -13.14
N VAL A 181 -24.50 -30.88 -12.95
CA VAL A 181 -23.98 -29.68 -12.29
C VAL A 181 -24.51 -29.58 -10.84
N GLN A 182 -23.71 -28.99 -9.96
CA GLN A 182 -24.14 -28.76 -8.60
C GLN A 182 -24.97 -27.49 -8.53
N VAL A 183 -25.92 -27.46 -7.59
CA VAL A 183 -26.79 -26.29 -7.46
C VAL A 183 -26.86 -25.81 -6.02
N ILE A 184 -26.63 -24.51 -5.86
CA ILE A 184 -26.84 -23.83 -4.57
C ILE A 184 -28.08 -22.93 -4.68
N GLY A 185 -28.89 -22.91 -3.62
CA GLY A 185 -30.04 -22.02 -3.59
C GLY A 185 -29.92 -21.07 -2.41
N GLY A 186 -30.38 -19.83 -2.58
CA GLY A 186 -30.40 -18.87 -1.48
C GLY A 186 -30.96 -17.54 -1.91
N ASN A 187 -30.97 -16.54 -1.03
CA ASN A 187 -30.51 -16.67 0.36
C ASN A 187 -31.65 -16.92 1.34
N ILE A 188 -31.34 -17.57 2.45
CA ILE A 188 -32.38 -17.91 3.42
C ILE A 188 -31.90 -17.63 4.84
N ALA A 189 -32.81 -17.71 5.79
CA ALA A 189 -32.41 -17.45 7.17
C ALA A 189 -33.21 -18.23 8.19
N THR A 190 -33.98 -19.23 7.74
CA THR A 190 -34.80 -20.01 8.66
C THR A 190 -34.72 -21.52 8.40
N ALA A 191 -35.12 -22.28 9.40
CA ALA A 191 -35.23 -23.73 9.27
C ALA A 191 -36.20 -24.15 8.18
N GLU A 192 -37.37 -23.50 8.10
CA GLU A 192 -38.33 -23.92 7.10
CA GLU A 192 -38.35 -23.89 7.11
C GLU A 192 -37.85 -23.61 5.70
N ALA A 193 -37.14 -22.49 5.52
CA ALA A 193 -36.57 -22.17 4.23
C ALA A 193 -35.52 -23.23 3.83
N ALA A 194 -34.72 -23.68 4.80
CA ALA A 194 -33.68 -24.67 4.54
C ALA A 194 -34.30 -25.99 4.07
N LYS A 195 -35.37 -26.41 4.75
CA LYS A 195 -36.06 -27.62 4.35
C LYS A 195 -36.71 -27.49 2.97
N ALA A 196 -37.22 -26.30 2.66
CA ALA A 196 -37.86 -26.08 1.36
C ALA A 196 -36.85 -26.13 0.22
N LEU A 197 -35.67 -25.56 0.41
CA LEU A 197 -34.64 -25.64 -0.62
C LEU A 197 -34.06 -27.04 -0.75
N ALA A 198 -33.89 -27.73 0.38
CA ALA A 198 -33.43 -29.12 0.34
C ALA A 198 -34.42 -30.00 -0.40
N GLU A 199 -35.72 -29.76 -0.19
CA GLU A 199 -36.77 -30.50 -0.90
C GLU A 199 -36.74 -30.22 -2.40
N ALA A 200 -36.27 -29.03 -2.78
CA ALA A 200 -36.18 -28.69 -4.20
C ALA A 200 -35.00 -29.40 -4.86
N GLY A 201 -34.12 -29.97 -4.03
CA GLY A 201 -32.96 -30.68 -4.53
C GLY A 201 -31.66 -29.90 -4.47
N ALA A 202 -31.62 -28.79 -3.73
CA ALA A 202 -30.39 -28.01 -3.61
C ALA A 202 -29.24 -28.86 -3.06
N ASP A 203 -28.04 -28.65 -3.58
CA ASP A 203 -26.83 -29.36 -3.12
C ASP A 203 -26.17 -28.59 -1.98
N ALA A 204 -26.62 -27.37 -1.74
CA ALA A 204 -26.24 -26.59 -0.55
C ALA A 204 -27.20 -25.41 -0.46
N VAL A 205 -27.29 -24.80 0.71
CA VAL A 205 -28.14 -23.62 0.87
C VAL A 205 -27.25 -22.46 1.34
N LYS A 206 -27.62 -21.24 0.96
CA LYS A 206 -26.81 -20.09 1.34
C LYS A 206 -27.62 -19.24 2.32
N VAL A 207 -26.99 -18.94 3.46
CA VAL A 207 -27.67 -18.34 4.62
C VAL A 207 -27.27 -16.89 4.82
N GLY A 208 -28.25 -15.99 4.88
CA GLY A 208 -27.94 -14.60 5.13
C GLY A 208 -28.99 -13.67 4.58
N ILE A 209 -29.78 -13.06 5.47
CA ILE A 209 -30.74 -12.05 5.03
C ILE A 209 -30.41 -10.77 5.79
N GLY A 210 -29.75 -9.85 5.10
CA GLY A 210 -29.37 -8.58 5.69
C GLY A 210 -28.02 -8.31 6.36
N PRO A 211 -27.16 -9.33 6.59
CA PRO A 211 -25.98 -8.98 7.40
C PRO A 211 -24.84 -8.36 6.61
N GLY A 212 -24.93 -8.35 5.27
CA GLY A 212 -23.82 -7.88 4.46
C GLY A 212 -23.40 -6.46 4.82
N SER A 213 -22.11 -6.18 4.73
CA SER A 213 -21.56 -4.86 5.10
C SER A 213 -22.27 -3.71 4.40
N ILE A 214 -22.54 -3.88 3.10
CA ILE A 214 -23.15 -2.80 2.29
C ILE A 214 -24.64 -2.95 2.09
N CYS A 215 -25.22 -3.90 2.81
CA CYS A 215 -26.63 -4.24 2.63
C CYS A 215 -27.51 -3.37 3.52
N THR A 216 -28.68 -2.99 3.01
CA THR A 216 -29.64 -2.19 3.77
C THR A 216 -31.03 -2.83 3.86
N THR A 217 -31.12 -4.12 3.55
CA THR A 217 -32.38 -4.86 3.63
C THR A 217 -33.06 -4.72 5.01
N ARG A 218 -32.25 -4.86 6.06
CA ARG A 218 -32.83 -4.85 7.39
C ARG A 218 -33.37 -3.48 7.73
N ILE A 219 -32.80 -2.45 7.12
CA ILE A 219 -33.24 -1.09 7.39
C ILE A 219 -34.43 -0.67 6.51
N VAL A 220 -34.36 -1.03 5.23
CA VAL A 220 -35.37 -0.62 4.25
C VAL A 220 -36.65 -1.48 4.31
N ALA A 221 -36.47 -2.78 4.56
CA ALA A 221 -37.61 -3.68 4.66
C ALA A 221 -37.92 -4.07 6.10
N GLY A 222 -36.98 -3.84 7.00
CA GLY A 222 -37.20 -4.22 8.38
C GLY A 222 -37.11 -5.72 8.59
N VAL A 223 -36.48 -6.41 7.63
CA VAL A 223 -36.48 -7.87 7.57
C VAL A 223 -35.08 -8.46 7.78
N GLY A 224 -34.97 -9.51 8.57
CA GLY A 224 -33.72 -10.27 8.62
C GLY A 224 -33.57 -11.04 9.90
N VAL A 225 -32.54 -11.87 9.98
CA VAL A 225 -32.26 -12.61 11.20
C VAL A 225 -30.77 -12.50 11.53
N PRO A 226 -30.45 -12.05 12.75
CA PRO A 226 -29.05 -11.99 13.19
C PRO A 226 -28.30 -13.24 12.81
N GLN A 227 -27.08 -13.12 12.28
CA GLN A 227 -26.52 -14.20 11.46
C GLN A 227 -26.12 -15.46 12.25
N ILE A 228 -25.66 -15.32 13.49
CA ILE A 228 -25.29 -16.50 14.24
C ILE A 228 -26.52 -17.39 14.50
N SER A 229 -27.64 -16.80 14.87
CA SER A 229 -28.87 -17.57 15.05
C SER A 229 -29.38 -18.14 13.71
N ALA A 230 -29.24 -17.36 12.63
CA ALA A 230 -29.67 -17.83 11.31
C ALA A 230 -28.92 -19.10 10.95
N ILE A 231 -27.60 -19.04 11.11
CA ILE A 231 -26.75 -20.19 10.79
C ILE A 231 -27.17 -21.41 11.60
N ALA A 232 -27.34 -21.23 12.92
CA ALA A 232 -27.63 -22.37 13.79
C ALA A 232 -29.01 -22.98 13.49
N ASN A 233 -29.97 -22.13 13.13
CA ASN A 233 -31.32 -22.62 12.84
C ASN A 233 -31.32 -23.43 11.56
N VAL A 234 -30.56 -22.97 10.58
CA VAL A 234 -30.45 -23.68 9.30
C VAL A 234 -29.66 -24.99 9.49
N ALA A 235 -28.56 -24.94 10.26
CA ALA A 235 -27.76 -26.13 10.55
C ALA A 235 -28.59 -27.21 11.21
N ALA A 236 -29.40 -26.83 12.19
CA ALA A 236 -30.25 -27.81 12.86
C ALA A 236 -31.27 -28.41 11.88
N ALA A 237 -31.85 -27.58 11.02
CA ALA A 237 -32.83 -28.05 10.04
C ALA A 237 -32.23 -29.09 9.10
N LEU A 238 -30.95 -28.93 8.76
CA LEU A 238 -30.35 -29.76 7.71
C LEU A 238 -29.64 -30.98 8.28
N GLU A 239 -29.64 -31.11 9.61
CA GLU A 239 -29.11 -32.33 10.23
C GLU A 239 -29.84 -33.54 9.66
N GLY A 240 -29.06 -34.57 9.30
CA GLY A 240 -29.64 -35.75 8.71
C GLY A 240 -29.68 -35.76 7.19
N THR A 241 -29.28 -34.66 6.56
CA THR A 241 -29.37 -34.58 5.11
C THR A 241 -28.02 -34.64 4.41
N GLY A 242 -26.97 -34.21 5.08
CA GLY A 242 -25.66 -34.09 4.45
C GLY A 242 -25.57 -32.90 3.49
N VAL A 243 -26.55 -32.01 3.55
CA VAL A 243 -26.52 -30.83 2.68
C VAL A 243 -25.77 -29.68 3.38
N PRO A 244 -24.68 -29.16 2.77
CA PRO A 244 -23.97 -28.05 3.42
C PRO A 244 -24.75 -26.72 3.47
N LEU A 245 -24.35 -25.88 4.41
CA LEU A 245 -24.84 -24.49 4.41
C LEU A 245 -23.65 -23.54 4.37
N ILE A 246 -23.84 -22.48 3.62
CA ILE A 246 -22.82 -21.48 3.38
C ILE A 246 -23.26 -20.21 4.11
N ALA A 247 -22.44 -19.73 5.04
CA ALA A 247 -22.80 -18.56 5.83
C ALA A 247 -22.36 -17.29 5.09
N ASP A 248 -23.33 -16.55 4.54
CA ASP A 248 -23.04 -15.45 3.62
C ASP A 248 -23.30 -14.08 4.25
N GLY A 249 -22.23 -13.33 4.53
CA GLY A 249 -22.37 -11.93 4.95
C GLY A 249 -22.05 -11.65 6.42
N GLY A 250 -21.59 -10.43 6.69
CA GLY A 250 -21.44 -9.98 8.06
C GLY A 250 -20.10 -10.29 8.70
N ILE A 251 -19.23 -11.00 7.98
CA ILE A 251 -17.90 -11.32 8.49
C ILE A 251 -16.99 -10.11 8.40
N ARG A 252 -16.47 -9.67 9.54
CA ARG A 252 -15.60 -8.49 9.57
C ARG A 252 -14.18 -8.82 10.04
N PHE A 253 -14.07 -9.80 10.92
CA PHE A 253 -12.80 -10.21 11.52
C PHE A 253 -12.65 -11.72 11.39
N SER A 254 -11.43 -12.26 11.47
CA SER A 254 -11.26 -13.70 11.35
C SER A 254 -12.00 -14.42 12.48
N GLY A 255 -12.15 -13.77 13.62
CA GLY A 255 -12.90 -14.39 14.70
C GLY A 255 -14.37 -14.63 14.37
N ASP A 256 -14.95 -13.78 13.54
CA ASP A 256 -16.32 -14.00 13.08
C ASP A 256 -16.42 -15.30 12.29
N LEU A 257 -15.39 -15.58 11.49
CA LEU A 257 -15.36 -16.81 10.70
CA LEU A 257 -15.37 -16.81 10.71
C LEU A 257 -15.39 -18.03 11.63
N ALA A 258 -14.54 -18.03 12.63
CA ALA A 258 -14.54 -19.09 13.62
C ALA A 258 -15.92 -19.28 14.26
N LYS A 259 -16.55 -18.18 14.63
CA LYS A 259 -17.86 -18.26 15.27
C LYS A 259 -18.90 -18.85 14.31
N ALA A 260 -18.81 -18.43 13.04
CA ALA A 260 -19.77 -18.94 12.06
C ALA A 260 -19.68 -20.46 11.92
N MET A 261 -18.45 -20.98 11.89
CA MET A 261 -18.25 -22.42 11.78
C MET A 261 -18.84 -23.18 12.98
N VAL A 262 -18.56 -22.70 14.19
CA VAL A 262 -19.06 -23.35 15.40
C VAL A 262 -20.59 -23.26 15.49
N ALA A 263 -21.17 -22.22 14.89
CA ALA A 263 -22.64 -22.12 14.83
C ALA A 263 -23.22 -23.13 13.83
N GLY A 264 -22.38 -23.74 13.02
CA GLY A 264 -22.83 -24.78 12.12
C GLY A 264 -22.54 -24.59 10.64
N ALA A 265 -21.93 -23.45 10.27
CA ALA A 265 -21.59 -23.25 8.85
C ALA A 265 -20.56 -24.26 8.33
N TYR A 266 -20.71 -24.67 7.07
CA TYR A 266 -19.68 -25.50 6.43
C TYR A 266 -18.57 -24.64 5.84
N CYS A 267 -18.93 -23.43 5.44
CA CYS A 267 -17.98 -22.47 4.91
C CYS A 267 -18.63 -21.10 4.91
N VAL A 268 -17.87 -20.07 4.57
CA VAL A 268 -18.39 -18.70 4.65
CA VAL A 268 -18.35 -18.70 4.67
C VAL A 268 -18.18 -17.96 3.34
N MET A 269 -19.12 -17.10 3.01
CA MET A 269 -18.99 -16.25 1.83
C MET A 269 -18.77 -14.82 2.25
N MET A 270 -17.80 -14.16 1.64
CA MET A 270 -17.44 -12.80 1.98
C MET A 270 -17.33 -11.91 0.74
N GLY A 271 -17.77 -10.67 0.87
CA GLY A 271 -17.58 -9.67 -0.16
C GLY A 271 -16.60 -8.59 0.24
N SER A 272 -16.92 -7.83 1.30
CA SER A 272 -16.08 -6.72 1.74
CA SER A 272 -16.07 -6.71 1.73
C SER A 272 -14.60 -7.11 1.98
N MET A 273 -14.37 -8.24 2.63
CA MET A 273 -12.98 -8.54 2.92
CA MET A 273 -13.03 -8.75 2.92
C MET A 273 -12.16 -8.95 1.67
N PHE A 274 -12.81 -9.22 0.55
CA PHE A 274 -12.07 -9.55 -0.67
C PHE A 274 -12.03 -8.41 -1.70
N ALA A 275 -12.96 -7.47 -1.58
CA ALA A 275 -13.09 -6.39 -2.55
C ALA A 275 -11.82 -5.53 -2.62
N GLY A 276 -11.06 -5.48 -1.52
CA GLY A 276 -9.86 -4.67 -1.49
C GLY A 276 -8.60 -5.38 -1.96
N THR A 277 -8.73 -6.62 -2.43
CA THR A 277 -7.55 -7.34 -2.89
C THR A 277 -7.16 -6.94 -4.30
N GLU A 278 -5.90 -7.15 -4.64
CA GLU A 278 -5.39 -6.89 -5.98
C GLU A 278 -6.16 -7.64 -7.06
N GLU A 279 -6.59 -8.87 -6.76
CA GLU A 279 -7.27 -9.70 -7.76
C GLU A 279 -8.73 -9.32 -8.03
N ALA A 280 -9.33 -8.54 -7.13
CA ALA A 280 -10.71 -8.08 -7.31
C ALA A 280 -10.80 -7.10 -8.47
N PRO A 281 -11.99 -7.00 -9.10
CA PRO A 281 -12.15 -6.02 -10.18
C PRO A 281 -11.86 -4.60 -9.69
N GLY A 282 -11.52 -3.72 -10.61
CA GLY A 282 -11.33 -2.31 -10.29
C GLY A 282 -9.88 -1.94 -10.02
N GLU A 283 -9.58 -0.65 -10.02
CA GLU A 283 -8.23 -0.16 -9.75
C GLU A 283 -8.16 0.53 -8.40
N ILE A 284 -6.93 0.65 -7.89
CA ILE A 284 -6.70 1.32 -6.62
C ILE A 284 -7.08 2.80 -6.72
N GLU A 285 -7.81 3.29 -5.73
CA GLU A 285 -8.16 4.70 -5.65
C GLU A 285 -7.46 5.30 -4.44
N LEU A 286 -6.84 6.46 -4.62
CA LEU A 286 -6.14 7.12 -3.53
C LEU A 286 -6.98 8.23 -2.92
N PHE A 287 -7.01 8.30 -1.60
CA PHE A 287 -7.84 9.28 -0.93
C PHE A 287 -7.37 9.48 0.49
N GLN A 288 -7.03 10.72 0.83
CA GLN A 288 -6.55 11.11 2.17
C GLN A 288 -5.41 10.18 2.62
N GLY A 289 -4.43 10.01 1.74
CA GLY A 289 -3.22 9.30 2.08
C GLY A 289 -3.33 7.79 2.15
N ARG A 290 -4.53 7.26 1.97
CA ARG A 290 -4.72 5.81 1.96
C ARG A 290 -5.18 5.30 0.60
N SER A 291 -5.10 3.99 0.42
CA SER A 291 -5.47 3.36 -0.84
C SER A 291 -6.76 2.56 -0.66
N TYR A 292 -7.62 2.60 -1.67
CA TYR A 292 -8.91 1.92 -1.61
C TYR A 292 -9.25 1.21 -2.92
N LYS A 293 -10.21 0.29 -2.85
CA LYS A 293 -10.89 -0.17 -4.06
C LYS A 293 -12.40 -0.07 -3.83
N SER A 294 -13.15 0.04 -4.91
CA SER A 294 -14.60 0.22 -4.79
C SER A 294 -15.30 -1.06 -4.37
N TYR A 295 -16.43 -0.88 -3.68
CA TYR A 295 -17.21 -1.99 -3.19
C TYR A 295 -18.65 -1.51 -3.12
N ARG A 296 -19.56 -2.25 -3.74
CA ARG A 296 -20.96 -1.80 -3.78
C ARG A 296 -21.95 -2.95 -3.75
N GLY A 297 -23.11 -2.70 -3.17
CA GLY A 297 -24.17 -3.69 -3.10
C GLY A 297 -24.69 -3.97 -4.49
N MET A 298 -25.23 -5.17 -4.71
CA MET A 298 -25.76 -5.53 -6.02
C MET A 298 -27.19 -5.01 -6.15
N GLY A 299 -27.80 -4.67 -5.01
CA GLY A 299 -29.11 -4.05 -4.99
C GLY A 299 -28.99 -2.55 -4.82
N SER A 300 -27.78 -2.04 -5.01
CA SER A 300 -27.55 -0.58 -4.99
C SER A 300 -27.92 0.02 -6.35
N LEU A 301 -28.16 1.33 -6.35
CA LEU A 301 -28.54 2.06 -7.57
C LEU A 301 -27.48 1.95 -8.65
N VAL A 326 -36.10 1.46 -5.63
CA VAL A 326 -36.02 1.23 -4.19
C VAL A 326 -34.87 0.28 -3.86
N PRO A 327 -33.67 0.85 -3.67
CA PRO A 327 -32.44 0.08 -3.41
C PRO A 327 -32.42 -0.61 -2.05
N GLU A 328 -31.65 -1.69 -1.97
CA GLU A 328 -31.45 -2.39 -0.70
C GLU A 328 -29.96 -2.57 -0.40
N GLY A 329 -29.16 -1.66 -0.98
CA GLY A 329 -27.73 -1.58 -0.70
C GLY A 329 -27.20 -0.23 -1.12
N ILE A 330 -25.97 0.08 -0.72
CA ILE A 330 -25.34 1.35 -1.11
C ILE A 330 -23.98 1.13 -1.77
N GLU A 331 -23.29 2.23 -2.04
CA GLU A 331 -22.00 2.18 -2.73
C GLU A 331 -20.87 2.77 -1.87
N GLY A 332 -19.69 2.17 -1.90
CA GLY A 332 -18.60 2.64 -1.08
C GLY A 332 -17.23 2.19 -1.54
N ARG A 333 -16.29 2.19 -0.61
CA ARG A 333 -14.91 1.78 -0.86
CA ARG A 333 -14.98 1.64 -0.89
C ARG A 333 -14.35 1.08 0.36
N VAL A 334 -13.39 0.19 0.16
CA VAL A 334 -12.75 -0.50 1.26
C VAL A 334 -11.24 -0.33 1.10
N PRO A 335 -10.49 -0.38 2.21
CA PRO A 335 -9.04 -0.23 2.14
C PRO A 335 -8.39 -1.26 1.23
N TYR A 336 -7.38 -0.85 0.48
CA TYR A 336 -6.62 -1.78 -0.36
C TYR A 336 -5.87 -2.76 0.55
N LYS A 337 -5.89 -4.04 0.19
CA LYS A 337 -5.40 -5.11 1.05
CA LYS A 337 -5.32 -5.04 1.09
C LYS A 337 -4.19 -5.84 0.45
N GLY A 338 -3.88 -5.55 -0.80
CA GLY A 338 -2.82 -6.28 -1.47
C GLY A 338 -3.26 -7.63 -2.00
N ALA A 339 -2.32 -8.57 -2.10
CA ALA A 339 -2.61 -9.87 -2.70
C ALA A 339 -3.62 -10.63 -1.87
N LEU A 340 -4.51 -11.35 -2.56
CA LEU A 340 -5.52 -12.16 -1.89
C LEU A 340 -4.86 -13.15 -0.93
N SER A 341 -3.70 -13.67 -1.33
CA SER A 341 -3.02 -14.70 -0.55
C SER A 341 -2.77 -14.24 0.89
N ALA A 342 -2.47 -12.95 1.08
CA ALA A 342 -2.17 -12.43 2.42
C ALA A 342 -3.43 -12.35 3.31
N ILE A 343 -4.55 -11.94 2.72
CA ILE A 343 -5.83 -11.94 3.42
C ILE A 343 -6.26 -13.37 3.82
N VAL A 344 -6.10 -14.31 2.88
CA VAL A 344 -6.43 -15.70 3.17
C VAL A 344 -5.56 -16.23 4.30
N HIS A 345 -4.28 -15.87 4.27
CA HIS A 345 -3.35 -16.33 5.28
C HIS A 345 -3.78 -15.84 6.66
N GLN A 346 -4.20 -14.58 6.74
CA GLN A 346 -4.64 -14.00 8.02
C GLN A 346 -5.94 -14.66 8.51
N LEU A 347 -6.88 -14.84 7.58
CA LEU A 347 -8.15 -15.45 7.93
C LEU A 347 -7.96 -16.87 8.43
N MET A 348 -7.18 -17.66 7.71
CA MET A 348 -6.99 -19.06 8.10
C MET A 348 -6.13 -19.16 9.35
N GLY A 349 -5.24 -18.19 9.57
CA GLY A 349 -4.44 -18.17 10.78
C GLY A 349 -5.32 -17.98 12.00
N GLY A 350 -6.30 -17.11 11.87
CA GLY A 350 -7.27 -16.86 12.92
C GLY A 350 -8.16 -18.06 13.18
N LEU A 351 -8.64 -18.69 12.10
CA LEU A 351 -9.44 -19.90 12.25
C LEU A 351 -8.63 -21.04 12.88
N ARG A 352 -7.39 -21.22 12.43
CA ARG A 352 -6.52 -22.23 13.03
C ARG A 352 -6.29 -21.97 14.51
N ALA A 353 -6.12 -20.70 14.87
CA ALA A 353 -5.96 -20.34 16.28
C ALA A 353 -7.21 -20.75 17.07
N ALA A 354 -8.39 -20.42 16.53
CA ALA A 354 -9.64 -20.74 17.21
C ALA A 354 -9.79 -22.24 17.40
N MET A 355 -9.38 -23.01 16.39
CA MET A 355 -9.47 -24.47 16.48
C MET A 355 -8.49 -24.99 17.52
N GLY A 356 -7.31 -24.38 17.57
CA GLY A 356 -6.34 -24.69 18.62
C GLY A 356 -6.91 -24.42 20.00
N TYR A 357 -7.57 -23.27 20.16
CA TYR A 357 -8.15 -22.88 21.44
C TYR A 357 -9.28 -23.81 21.89
N THR A 358 -10.09 -24.26 20.95
CA THR A 358 -11.26 -25.08 21.29
C THR A 358 -10.91 -26.58 21.32
N GLY A 359 -9.71 -26.90 20.87
CA GLY A 359 -9.28 -28.30 20.80
C GLY A 359 -9.98 -29.06 19.67
N SER A 360 -10.27 -28.35 18.58
CA SER A 360 -10.93 -28.95 17.41
C SER A 360 -9.89 -29.33 16.34
N ALA A 361 -9.78 -30.63 16.06
CA ALA A 361 -8.74 -31.11 15.14
C ALA A 361 -9.11 -30.93 13.67
N ASP A 362 -10.40 -30.76 13.40
CA ASP A 362 -10.85 -30.64 12.01
C ASP A 362 -12.18 -29.90 11.97
N ILE A 363 -12.67 -29.60 10.75
CA ILE A 363 -13.86 -28.75 10.62
C ILE A 363 -15.11 -29.43 11.18
N GLN A 364 -15.27 -30.73 10.94
CA GLN A 364 -16.43 -31.44 11.47
C GLN A 364 -16.53 -31.31 13.00
N GLN A 365 -15.38 -31.40 13.69
CA GLN A 365 -15.38 -31.23 15.14
C GLN A 365 -15.68 -29.78 15.50
N MET A 366 -15.05 -28.86 14.79
CA MET A 366 -15.28 -27.43 15.03
C MET A 366 -16.77 -27.06 14.90
N ARG A 367 -17.44 -27.68 13.93
CA ARG A 367 -18.85 -27.41 13.65
CA ARG A 367 -18.83 -27.39 13.66
C ARG A 367 -19.77 -27.95 14.72
N THR A 368 -19.36 -29.00 15.41
CA THR A 368 -20.29 -29.75 16.24
C THR A 368 -19.97 -29.81 17.73
N GLN A 369 -18.75 -29.49 18.14
CA GLN A 369 -18.38 -29.72 19.53
C GLN A 369 -18.15 -28.48 20.42
N PRO A 370 -17.47 -27.43 19.91
CA PRO A 370 -17.23 -26.31 20.86
C PRO A 370 -18.50 -25.57 21.31
N GLN A 371 -18.34 -24.84 22.42
CA GLN A 371 -19.43 -24.06 23.00
C GLN A 371 -19.19 -22.57 22.94
N PHE A 372 -20.28 -21.81 22.99
CA PHE A 372 -20.25 -20.35 23.16
C PHE A 372 -20.57 -19.93 24.59
N VAL A 373 -20.09 -18.76 24.99
CA VAL A 373 -20.79 -18.00 26.01
C VAL A 373 -21.47 -16.82 25.36
N ARG A 374 -22.63 -16.44 25.89
CA ARG A 374 -23.28 -15.22 25.47
C ARG A 374 -22.69 -14.05 26.26
N ILE A 375 -22.43 -12.93 25.60
CA ILE A 375 -21.80 -11.81 26.29
C ILE A 375 -22.64 -10.54 26.19
N THR A 376 -22.26 -9.52 26.95
CA THR A 376 -22.92 -8.20 26.89
C THR A 376 -22.07 -7.23 26.08
N GLY A 377 -22.58 -6.02 25.87
CA GLY A 377 -21.80 -4.94 25.29
C GLY A 377 -20.45 -4.68 25.97
N ALA A 378 -20.40 -4.81 27.30
CA ALA A 378 -19.13 -4.61 28.00
C ALA A 378 -18.15 -5.74 27.72
N GLY A 379 -18.67 -6.95 27.55
CA GLY A 379 -17.84 -8.09 27.18
C GLY A 379 -17.13 -7.85 25.86
N MET A 380 -17.87 -7.27 24.91
CA MET A 380 -17.33 -6.99 23.59
C MET A 380 -16.30 -5.86 23.66
N ALA A 381 -16.57 -4.84 24.47
CA ALA A 381 -15.62 -3.74 24.63
C ALA A 381 -14.29 -4.24 25.19
N GLU A 382 -14.37 -5.24 26.06
CA GLU A 382 -13.20 -5.86 26.68
C GLU A 382 -12.45 -6.73 25.66
N SER A 383 -13.18 -7.24 24.68
CA SER A 383 -12.60 -8.09 23.65
C SER A 383 -11.74 -7.29 22.69
N HIS A 384 -12.22 -6.11 22.32
CA HIS A 384 -11.45 -5.22 21.48
C HIS A 384 -10.28 -4.67 22.28
N VAL A 385 -9.33 -4.07 21.57
CA VAL A 385 -8.30 -3.28 22.24
C VAL A 385 -8.98 -2.15 23.01
N HIS A 386 -8.52 -1.87 24.22
CA HIS A 386 -9.15 -0.84 25.05
C HIS A 386 -8.15 -0.14 25.97
N ASP A 387 -8.37 1.15 26.21
CA ASP A 387 -7.62 1.93 27.20
C ASP A 387 -6.12 2.02 26.93
N VAL A 388 -5.73 1.94 25.66
CA VAL A 388 -4.37 2.16 25.23
C VAL A 388 -4.41 2.92 23.91
N GLN A 389 -3.53 3.91 23.75
CA GLN A 389 -3.42 4.60 22.46
C GLN A 389 -2.59 3.77 21.48
N ILE A 390 -3.24 3.21 20.47
CA ILE A 390 -2.56 2.42 19.45
C ILE A 390 -1.61 3.30 18.62
N THR A 391 -0.42 2.79 18.35
CA THR A 391 0.55 3.47 17.50
C THR A 391 0.86 2.67 16.24
N LYS A 392 0.84 1.35 16.38
CA LYS A 392 1.07 0.43 15.27
C LYS A 392 0.05 -0.70 15.32
N GLU A 393 -0.80 -0.76 14.29
CA GLU A 393 -1.85 -1.78 14.25
C GLU A 393 -1.38 -3.01 13.48
N ALA A 394 -2.27 -3.99 13.34
CA ALA A 394 -1.91 -5.28 12.78
C ALA A 394 -2.69 -5.52 11.48
N PRO A 395 -2.15 -6.37 10.58
CA PRO A 395 -2.87 -6.61 9.33
C PRO A 395 -4.25 -7.20 9.57
N ASN A 396 -4.40 -7.97 10.66
CA ASN A 396 -5.68 -8.60 10.98
C ASN A 396 -6.52 -7.84 11.99
N TYR A 397 -6.10 -6.62 12.33
CA TYR A 397 -6.87 -5.82 13.27
C TYR A 397 -6.80 -4.34 12.95
N ARG A 398 -7.86 -3.86 12.29
CA ARG A 398 -8.01 -2.48 11.84
C ARG A 398 -6.92 -2.08 10.85
N MET B 21 15.46 50.52 11.98
CA MET B 21 16.33 50.30 13.12
C MET B 21 16.79 48.85 13.15
N LEU B 22 15.94 47.94 12.67
CA LEU B 22 16.29 46.53 12.57
C LEU B 22 17.33 46.26 11.50
N ARG B 23 18.31 45.43 11.81
CA ARG B 23 19.30 45.10 10.79
C ARG B 23 18.76 44.00 9.89
N ILE B 24 17.94 44.40 8.92
CA ILE B 24 17.38 43.46 7.94
C ILE B 24 18.13 43.53 6.62
N SER B 25 18.66 42.40 6.17
CA SER B 25 19.47 42.38 4.96
CA SER B 25 19.47 42.41 4.95
C SER B 25 18.59 42.37 3.70
N GLN B 26 17.48 41.66 3.78
CA GLN B 26 16.60 41.47 2.64
C GLN B 26 15.33 40.76 3.07
N GLU B 27 14.31 40.76 2.20
CA GLU B 27 13.21 39.82 2.36
C GLU B 27 13.62 38.53 1.66
N ALA B 28 13.33 37.40 2.30
CA ALA B 28 13.75 36.11 1.75
C ALA B 28 12.53 35.24 1.46
N LEU B 29 12.58 34.48 0.36
CA LEU B 29 11.42 33.75 -0.13
C LEU B 29 11.68 32.25 -0.07
N THR B 30 10.63 31.46 0.04
CA THR B 30 10.83 30.04 -0.23
C THR B 30 9.83 29.52 -1.26
N PHE B 31 9.72 28.19 -1.40
CA PHE B 31 9.01 27.59 -2.54
C PHE B 31 7.59 28.12 -2.75
N ASP B 32 6.78 28.17 -1.69
CA ASP B 32 5.39 28.59 -1.84
C ASP B 32 5.23 30.10 -2.06
N ASP B 33 6.35 30.84 -2.09
CA ASP B 33 6.31 32.29 -2.35
C ASP B 33 6.43 32.63 -3.84
N VAL B 34 6.76 31.64 -4.66
CA VAL B 34 7.03 31.90 -6.08
C VAL B 34 6.43 30.85 -7.02
N LEU B 35 6.25 31.23 -8.28
CA LEU B 35 5.85 30.31 -9.34
C LEU B 35 6.69 30.58 -10.59
N LEU B 36 6.93 29.54 -11.38
CA LEU B 36 7.67 29.68 -12.63
C LEU B 36 6.78 30.24 -13.73
N ILE B 37 7.30 31.20 -14.48
CA ILE B 37 6.58 31.76 -15.62
C ILE B 37 6.78 30.93 -16.88
N PRO B 38 5.67 30.54 -17.57
CA PRO B 38 5.85 29.83 -18.83
C PRO B 38 6.61 30.67 -19.85
N GLY B 39 7.37 30.01 -20.71
CA GLY B 39 8.11 30.68 -21.77
C GLY B 39 7.95 29.94 -23.08
N TYR B 40 8.38 30.54 -24.18
CA TYR B 40 8.34 29.86 -25.47
C TYR B 40 9.07 28.52 -25.46
N SER B 41 8.37 27.46 -25.84
CA SER B 41 8.94 26.12 -25.81
C SER B 41 8.92 25.41 -27.16
N GLU B 42 10.02 24.72 -27.48
CA GLU B 42 10.14 23.93 -28.71
CA GLU B 42 10.06 23.91 -28.69
C GLU B 42 10.55 22.49 -28.39
N VAL B 43 10.92 22.24 -27.15
CA VAL B 43 11.37 20.91 -26.74
C VAL B 43 10.39 20.31 -25.76
N LEU B 44 9.78 19.20 -26.15
CA LEU B 44 8.81 18.49 -25.31
C LEU B 44 9.46 17.94 -24.04
N PRO B 45 8.67 17.81 -22.95
CA PRO B 45 9.14 17.24 -21.68
C PRO B 45 9.92 15.94 -21.85
N LYS B 46 9.47 15.05 -22.73
CA LYS B 46 10.14 13.76 -22.86
C LYS B 46 11.51 13.89 -23.52
N ASP B 47 11.76 15.01 -24.17
CA ASP B 47 13.02 15.19 -24.90
C ASP B 47 14.06 16.08 -24.20
N VAL B 48 13.73 16.68 -23.07
CA VAL B 48 14.73 17.53 -22.39
C VAL B 48 15.82 16.68 -21.75
N SER B 49 16.96 17.30 -21.48
CA SER B 49 18.07 16.66 -20.80
C SER B 49 18.02 16.95 -19.31
N LEU B 50 18.16 15.93 -18.49
CA LEU B 50 18.18 16.12 -17.04
C LEU B 50 19.59 16.01 -16.45
N LYS B 51 20.59 15.82 -17.31
CA LYS B 51 21.97 15.66 -16.83
C LYS B 51 22.48 16.88 -16.08
N THR B 52 23.24 16.67 -15.02
CA THR B 52 23.76 17.80 -14.25
C THR B 52 25.08 17.41 -13.57
N ARG B 53 25.56 18.26 -12.66
CA ARG B 53 26.74 17.92 -11.87
C ARG B 53 26.41 17.88 -10.39
N LEU B 54 26.94 16.87 -9.70
CA LEU B 54 26.95 16.83 -8.24
C LEU B 54 28.09 17.68 -7.69
N THR B 55 29.27 17.53 -8.30
CA THR B 55 30.47 18.25 -7.89
C THR B 55 31.23 18.66 -9.14
N ARG B 56 32.30 19.41 -9.00
CA ARG B 56 32.97 19.86 -10.22
CA ARG B 56 33.15 19.83 -10.12
C ARG B 56 33.47 18.65 -11.02
N GLY B 57 33.73 17.53 -10.35
CA GLY B 57 34.18 16.32 -11.04
C GLY B 57 33.12 15.28 -11.34
N ILE B 58 32.05 15.22 -10.55
CA ILE B 58 31.07 14.15 -10.68
C ILE B 58 29.77 14.55 -11.39
N GLU B 59 29.42 13.80 -12.44
CA GLU B 59 28.18 14.07 -13.19
C GLU B 59 27.06 13.13 -12.77
N LEU B 60 25.82 13.63 -12.77
CA LEU B 60 24.66 12.78 -12.54
C LEU B 60 23.68 12.88 -13.71
N ASN B 61 23.00 11.78 -14.02
CA ASN B 61 22.03 11.82 -15.10
C ASN B 61 20.68 12.37 -14.67
N ILE B 62 20.43 12.40 -13.35
CA ILE B 62 19.26 13.09 -12.80
C ILE B 62 19.66 13.85 -11.53
N PRO B 63 19.03 15.00 -11.29
CA PRO B 63 19.46 15.90 -10.21
C PRO B 63 18.95 15.50 -8.83
N LEU B 64 19.10 14.24 -8.45
CA LEU B 64 18.58 13.76 -7.17
C LEU B 64 19.67 13.17 -6.28
N VAL B 65 19.68 13.60 -5.02
CA VAL B 65 20.59 13.11 -3.99
C VAL B 65 19.77 12.70 -2.78
N SER B 66 20.05 11.53 -2.19
CA SER B 66 19.32 11.16 -0.97
C SER B 66 20.10 11.57 0.30
N ALA B 67 19.35 11.99 1.32
CA ALA B 67 19.94 12.57 2.52
C ALA B 67 20.74 11.57 3.36
N ALA B 68 21.77 12.08 4.02
CA ALA B 68 22.63 11.28 4.88
C ALA B 68 21.99 11.14 6.25
N MET B 69 20.90 10.40 6.31
CA MET B 69 20.11 10.20 7.53
C MET B 69 19.89 8.71 7.77
N ASP B 70 19.90 8.28 9.03
CA ASP B 70 19.84 6.85 9.31
C ASP B 70 18.49 6.23 9.03
N THR B 71 17.50 7.06 8.69
CA THR B 71 16.20 6.56 8.26
C THR B 71 15.99 6.73 6.74
N VAL B 72 17.06 7.13 6.04
CA VAL B 72 16.95 7.38 4.60
C VAL B 72 17.96 6.57 3.75
N THR B 73 19.25 6.77 3.99
CA THR B 73 20.27 6.20 3.11
C THR B 73 21.25 5.27 3.80
N GLU B 74 21.11 3.98 3.52
CA GLU B 74 22.19 3.03 3.77
C GLU B 74 22.50 2.36 2.44
N ALA B 75 23.20 1.22 2.44
CA ALA B 75 23.68 0.65 1.18
C ALA B 75 22.56 0.39 0.18
N ARG B 76 21.43 -0.14 0.66
CA ARG B 76 20.34 -0.54 -0.23
C ARG B 76 19.75 0.64 -1.00
N LEU B 77 19.40 1.71 -0.31
CA LEU B 77 18.85 2.87 -1.00
C LEU B 77 19.92 3.56 -1.84
N ALA B 78 21.16 3.59 -1.36
CA ALA B 78 22.23 4.21 -2.13
C ALA B 78 22.45 3.48 -3.47
N ILE B 79 22.32 2.15 -3.47
CA ILE B 79 22.46 1.39 -4.71
C ILE B 79 21.36 1.80 -5.68
N ALA B 80 20.14 1.89 -5.17
CA ALA B 80 19.00 2.24 -6.02
C ALA B 80 19.13 3.68 -6.57
N MET B 81 19.58 4.60 -5.72
CA MET B 81 19.77 6.00 -6.16
C MET B 81 20.78 6.07 -7.30
N ALA B 82 21.89 5.36 -7.14
CA ALA B 82 22.91 5.34 -8.18
C ALA B 82 22.37 4.73 -9.46
N GLN B 83 21.58 3.67 -9.33
CA GLN B 83 21.04 2.99 -10.49
C GLN B 83 20.11 3.90 -11.28
N GLU B 84 19.39 4.76 -10.56
CA GLU B 84 18.44 5.69 -11.18
C GLU B 84 19.14 6.87 -11.86
N GLY B 85 20.43 7.04 -11.59
CA GLY B 85 21.17 8.14 -12.17
C GLY B 85 21.40 9.31 -11.21
N GLY B 86 21.04 9.12 -9.94
CA GLY B 86 21.39 10.07 -8.89
C GLY B 86 22.48 9.47 -8.01
N ILE B 87 22.46 9.82 -6.73
CA ILE B 87 23.46 9.28 -5.82
C ILE B 87 22.94 9.34 -4.37
N GLY B 88 23.43 8.44 -3.54
CA GLY B 88 23.08 8.41 -2.13
C GLY B 88 24.26 8.76 -1.25
N ILE B 89 23.98 9.46 -0.15
CA ILE B 89 25.02 9.77 0.82
C ILE B 89 24.81 8.92 2.07
N ILE B 90 25.69 7.95 2.30
CA ILE B 90 25.55 7.08 3.47
C ILE B 90 25.76 7.88 4.76
N HIS B 91 24.86 7.70 5.72
CA HIS B 91 24.89 8.48 6.96
C HIS B 91 26.02 8.03 7.90
N LYS B 92 26.34 8.86 8.88
CA LYS B 92 27.48 8.59 9.75
C LYS B 92 27.08 8.19 11.17
N ASN B 93 25.81 7.87 11.39
CA ASN B 93 25.38 7.43 12.72
C ASN B 93 25.58 5.92 12.85
N MET B 94 26.82 5.51 12.63
CA MET B 94 27.21 4.11 12.75
C MET B 94 28.73 4.10 12.89
N GLY B 95 29.28 2.97 13.31
CA GLY B 95 30.72 2.88 13.50
C GLY B 95 31.47 3.11 12.20
N ILE B 96 32.75 3.40 12.31
CA ILE B 96 33.57 3.68 11.14
C ILE B 96 33.69 2.47 10.24
N GLU B 97 33.96 1.30 10.83
CA GLU B 97 34.03 0.06 10.06
C GLU B 97 32.67 -0.22 9.42
N GLN B 98 31.59 0.07 10.16
CA GLN B 98 30.25 -0.13 9.64
CA GLN B 98 30.24 -0.10 9.66
C GLN B 98 29.98 0.76 8.42
N GLN B 99 30.37 2.03 8.50
CA GLN B 99 30.13 2.96 7.41
C GLN B 99 30.93 2.61 6.15
N ALA B 100 32.21 2.30 6.34
CA ALA B 100 33.05 1.88 5.22
C ALA B 100 32.52 0.61 4.57
N ALA B 101 31.94 -0.27 5.39
CA ALA B 101 31.38 -1.51 4.90
C ALA B 101 30.16 -1.25 4.03
N GLU B 102 29.37 -0.24 4.40
CA GLU B 102 28.21 0.16 3.61
C GLU B 102 28.65 0.68 2.24
N VAL B 103 29.72 1.47 2.24
CA VAL B 103 30.29 1.99 1.00
C VAL B 103 30.73 0.85 0.10
N ARG B 104 31.42 -0.15 0.67
CA ARG B 104 31.90 -1.29 -0.11
CA ARG B 104 31.90 -1.27 -0.13
C ARG B 104 30.75 -2.07 -0.73
N LYS B 105 29.67 -2.22 0.02
CA LYS B 105 28.48 -2.90 -0.50
C LYS B 105 28.01 -2.27 -1.80
N VAL B 106 28.01 -0.94 -1.85
CA VAL B 106 27.62 -0.25 -3.07
C VAL B 106 28.66 -0.40 -4.16
N LYS B 107 29.94 -0.22 -3.80
CA LYS B 107 31.01 -0.26 -4.80
C LYS B 107 31.13 -1.64 -5.45
N LYS B 108 30.76 -2.69 -4.71
CA LYS B 108 30.90 -4.07 -5.19
C LYS B 108 29.63 -4.63 -5.81
N HIS B 109 28.55 -3.85 -5.81
CA HIS B 109 27.27 -4.34 -6.31
C HIS B 109 27.24 -4.46 -7.83
N GLU B 110 26.80 -5.62 -8.32
CA GLU B 110 26.69 -5.86 -9.76
C GLU B 110 25.24 -6.08 -10.16
N THR B 111 24.92 -5.72 -11.40
CA THR B 111 23.56 -5.86 -11.92
C THR B 111 23.28 -7.30 -12.31
N THR B 116 18.65 -3.88 -16.46
CA THR B 116 19.55 -2.86 -17.02
C THR B 116 19.25 -1.47 -16.47
N TYR B 117 20.31 -0.68 -16.24
CA TYR B 117 20.17 0.68 -15.71
C TYR B 117 21.01 1.64 -16.55
N PRO B 118 20.42 2.13 -17.64
CA PRO B 118 21.10 2.96 -18.64
C PRO B 118 21.57 4.32 -18.12
N LEU B 119 20.98 4.78 -17.03
CA LEU B 119 21.32 6.08 -16.48
C LEU B 119 22.24 5.99 -15.27
N ALA B 120 22.63 4.77 -14.90
CA ALA B 120 23.33 4.52 -13.63
C ALA B 120 24.57 5.40 -13.45
N SER B 121 24.70 5.96 -12.25
CA SER B 121 25.87 6.76 -11.89
C SER B 121 27.04 5.84 -11.54
N LYS B 122 28.07 5.85 -12.39
CA LYS B 122 29.20 4.94 -12.22
C LYS B 122 30.52 5.69 -12.26
N ASP B 123 31.53 5.15 -11.58
CA ASP B 123 32.86 5.74 -11.60
C ASP B 123 33.67 5.26 -12.80
N GLU B 124 34.93 5.68 -12.88
CA GLU B 124 35.79 5.35 -14.01
C GLU B 124 36.02 3.86 -14.20
N GLN B 125 35.81 3.07 -13.14
CA GLN B 125 35.96 1.63 -13.22
C GLN B 125 34.61 0.92 -13.38
N GLY B 126 33.56 1.68 -13.65
CA GLY B 126 32.26 1.10 -13.91
C GLY B 126 31.47 0.72 -12.66
N ARG B 127 31.99 1.07 -11.49
CA ARG B 127 31.31 0.78 -10.23
C ARG B 127 30.31 1.88 -9.90
N LEU B 128 29.19 1.50 -9.28
CA LEU B 128 28.19 2.47 -8.80
C LEU B 128 28.83 3.51 -7.89
N ARG B 129 28.41 4.76 -8.03
CA ARG B 129 28.91 5.84 -7.20
C ARG B 129 28.17 5.88 -5.87
N VAL B 130 28.87 6.30 -4.82
CA VAL B 130 28.25 6.48 -3.52
C VAL B 130 28.97 7.57 -2.75
N GLY B 131 28.24 8.28 -1.90
CA GLY B 131 28.84 9.30 -1.07
C GLY B 131 28.75 8.86 0.38
N ALA B 132 29.46 9.54 1.27
CA ALA B 132 29.40 9.26 2.69
C ALA B 132 29.70 10.50 3.51
N ALA B 133 28.92 10.68 4.57
CA ALA B 133 29.03 11.86 5.44
C ALA B 133 30.05 11.71 6.55
N VAL B 134 30.75 12.79 6.84
CA VAL B 134 31.58 12.86 8.04
C VAL B 134 31.26 14.16 8.77
N GLY B 135 31.63 14.23 10.04
CA GLY B 135 31.45 15.45 10.81
C GLY B 135 32.77 16.17 10.95
N THR B 136 32.98 16.81 12.09
CA THR B 136 34.29 17.42 12.37
C THR B 136 34.80 16.91 13.71
N GLY B 137 34.12 15.88 14.24
CA GLY B 137 34.45 15.29 15.51
C GLY B 137 35.84 14.67 15.56
N ALA B 138 36.16 14.07 16.71
CA ALA B 138 37.50 13.55 16.96
C ALA B 138 37.92 12.46 15.98
N ASP B 139 36.98 11.59 15.61
CA ASP B 139 37.32 10.44 14.76
CA ASP B 139 37.28 10.44 14.77
C ASP B 139 37.21 10.75 13.27
N THR B 140 36.98 12.01 12.92
CA THR B 140 36.76 12.40 11.53
C THR B 140 37.92 11.98 10.61
N GLY B 141 39.15 12.32 11.01
CA GLY B 141 40.31 12.01 10.19
C GLY B 141 40.38 10.54 9.84
N GLU B 142 40.13 9.71 10.84
CA GLU B 142 40.10 8.25 10.67
C GLU B 142 38.93 7.79 9.83
N ARG B 143 37.79 8.45 10.02
CA ARG B 143 36.59 8.08 9.30
C ARG B 143 36.78 8.34 7.82
N VAL B 144 37.29 9.52 7.48
CA VAL B 144 37.56 9.86 6.08
C VAL B 144 38.50 8.83 5.45
N ALA B 145 39.57 8.49 6.15
CA ALA B 145 40.55 7.54 5.64
C ALA B 145 39.89 6.21 5.27
N ALA B 146 39.05 5.70 6.18
CA ALA B 146 38.40 4.41 5.97
C ALA B 146 37.44 4.45 4.78
N LEU B 147 36.69 5.55 4.68
CA LEU B 147 35.73 5.72 3.60
C LEU B 147 36.45 5.79 2.26
N VAL B 148 37.56 6.52 2.22
CA VAL B 148 38.31 6.67 0.99
C VAL B 148 38.88 5.32 0.58
N ALA B 149 39.40 4.59 1.56
CA ALA B 149 39.94 3.25 1.34
C ALA B 149 38.86 2.31 0.80
N ALA B 150 37.62 2.54 1.20
CA ALA B 150 36.50 1.72 0.77
C ALA B 150 36.04 2.10 -0.64
N GLY B 151 36.63 3.14 -1.21
CA GLY B 151 36.32 3.54 -2.58
C GLY B 151 35.22 4.56 -2.73
N VAL B 152 34.89 5.28 -1.65
CA VAL B 152 33.83 6.30 -1.72
C VAL B 152 34.16 7.35 -2.80
N ASP B 153 33.12 7.85 -3.46
CA ASP B 153 33.32 8.78 -4.58
C ASP B 153 33.37 10.22 -4.11
N VAL B 154 32.66 10.48 -3.02
CA VAL B 154 32.64 11.84 -2.51
C VAL B 154 32.47 11.80 -0.99
N VAL B 155 33.26 12.61 -0.31
CA VAL B 155 33.15 12.79 1.12
C VAL B 155 32.34 14.05 1.40
N VAL B 156 31.27 13.89 2.19
CA VAL B 156 30.44 15.03 2.52
C VAL B 156 30.71 15.49 3.96
N VAL B 157 31.41 16.61 4.09
CA VAL B 157 31.63 17.18 5.41
C VAL B 157 30.32 17.86 5.76
N ASP B 158 29.58 17.21 6.65
CA ASP B 158 28.16 17.47 6.82
C ASP B 158 27.86 17.93 8.24
N THR B 159 27.54 19.21 8.40
CA THR B 159 27.32 19.80 9.72
C THR B 159 26.16 20.79 9.65
N ALA B 160 25.67 21.19 10.82
CA ALA B 160 24.57 22.13 10.87
C ALA B 160 25.01 23.53 10.48
N HIS B 161 26.30 23.81 10.60
CA HIS B 161 26.82 25.16 10.32
C HIS B 161 28.15 25.12 9.56
N GLY B 162 28.07 25.05 8.24
CA GLY B 162 29.25 24.96 7.41
C GLY B 162 30.14 26.20 7.39
N HIS B 163 29.56 27.34 7.74
CA HIS B 163 30.31 28.60 7.73
C HIS B 163 31.01 28.76 9.07
N SER B 164 31.88 27.82 9.39
CA SER B 164 32.54 27.79 10.68
C SER B 164 34.00 27.40 10.48
N LYS B 165 34.85 27.93 11.35
CA LYS B 165 36.28 27.62 11.33
C LYS B 165 36.53 26.12 11.23
N GLY B 166 35.83 25.36 12.07
CA GLY B 166 35.95 23.90 12.07
C GLY B 166 35.66 23.21 10.75
N VAL B 167 34.57 23.59 10.11
CA VAL B 167 34.15 22.93 8.86
C VAL B 167 35.09 23.32 7.73
N ILE B 168 35.39 24.61 7.65
CA ILE B 168 36.28 25.13 6.62
C ILE B 168 37.66 24.47 6.73
N GLU B 169 38.16 24.34 7.95
CA GLU B 169 39.46 23.68 8.15
C GLU B 169 39.41 22.19 7.79
N ARG B 170 38.33 21.50 8.14
CA ARG B 170 38.21 20.08 7.81
C ARG B 170 38.10 19.87 6.30
N VAL B 171 37.34 20.73 5.61
CA VAL B 171 37.25 20.62 4.16
C VAL B 171 38.65 20.73 3.56
N ARG B 172 39.40 21.75 4.00
CA ARG B 172 40.75 21.96 3.52
C ARG B 172 41.62 20.74 3.82
N TRP B 173 41.45 20.16 5.01
CA TRP B 173 42.24 19.00 5.41
C TRP B 173 42.00 17.80 4.50
N VAL B 174 40.75 17.57 4.15
CA VAL B 174 40.41 16.45 3.30
C VAL B 174 41.03 16.64 1.90
N LYS B 175 40.94 17.85 1.37
CA LYS B 175 41.53 18.17 0.07
C LYS B 175 43.06 18.08 0.07
N GLN B 176 43.70 18.36 1.20
CA GLN B 176 45.13 18.15 1.32
C GLN B 176 45.46 16.65 1.39
N THR B 177 44.81 15.96 2.32
CA THR B 177 45.18 14.61 2.68
C THR B 177 44.74 13.57 1.63
N PHE B 178 43.59 13.80 1.01
CA PHE B 178 43.10 12.93 -0.07
C PHE B 178 42.57 13.73 -1.26
N PRO B 179 43.46 14.42 -1.99
CA PRO B 179 43.00 15.28 -3.09
C PRO B 179 42.42 14.51 -4.28
N ASP B 180 42.47 13.18 -4.22
CA ASP B 180 41.87 12.36 -5.27
C ASP B 180 40.39 12.14 -5.03
N VAL B 181 39.90 12.59 -3.88
CA VAL B 181 38.50 12.39 -3.57
C VAL B 181 37.77 13.73 -3.65
N GLN B 182 36.59 13.69 -4.24
CA GLN B 182 35.70 14.84 -4.29
C GLN B 182 35.14 15.16 -2.89
N VAL B 183 35.01 16.44 -2.59
CA VAL B 183 34.57 16.87 -1.26
C VAL B 183 33.41 17.84 -1.35
N ILE B 184 32.37 17.60 -0.54
CA ILE B 184 31.22 18.51 -0.42
C ILE B 184 31.25 19.09 1.00
N GLY B 185 31.04 20.41 1.12
CA GLY B 185 30.98 21.05 2.43
C GLY B 185 29.61 21.69 2.63
N GLY B 186 29.14 21.72 3.88
CA GLY B 186 27.82 22.25 4.18
C GLY B 186 27.49 22.06 5.64
N ASN B 187 26.32 22.52 6.09
CA ASN B 187 25.38 23.27 5.24
C ASN B 187 25.54 24.78 5.37
N ILE B 188 25.16 25.51 4.34
CA ILE B 188 25.32 26.96 4.32
C ILE B 188 24.07 27.59 3.74
N ALA B 189 23.96 28.92 3.85
CA ALA B 189 22.79 29.60 3.29
C ALA B 189 23.10 31.01 2.79
N THR B 190 24.39 31.36 2.69
CA THR B 190 24.76 32.73 2.31
C THR B 190 25.87 32.77 1.25
N ALA B 191 25.99 33.93 0.61
CA ALA B 191 27.02 34.16 -0.40
C ALA B 191 28.41 34.04 0.22
N GLU B 192 28.62 34.66 1.38
CA GLU B 192 29.91 34.66 2.05
C GLU B 192 30.36 33.26 2.46
N ALA B 193 29.40 32.47 2.94
CA ALA B 193 29.66 31.07 3.29
C ALA B 193 30.08 30.26 2.05
N ALA B 194 29.39 30.52 0.94
CA ALA B 194 29.68 29.81 -0.29
C ALA B 194 31.10 30.11 -0.77
N LYS B 195 31.47 31.40 -0.74
CA LYS B 195 32.81 31.79 -1.15
C LYS B 195 33.87 31.20 -0.23
N ALA B 196 33.59 31.17 1.07
CA ALA B 196 34.53 30.59 2.03
C ALA B 196 34.80 29.11 1.78
N LEU B 197 33.75 28.33 1.50
CA LEU B 197 33.94 26.91 1.22
C LEU B 197 34.60 26.70 -0.14
N ALA B 198 34.29 27.53 -1.12
CA ALA B 198 34.93 27.40 -2.43
C ALA B 198 36.43 27.65 -2.28
N GLU B 199 36.79 28.67 -1.49
N GLU B 199 36.79 28.64 -1.47
CA GLU B 199 38.20 28.98 -1.23
CA GLU B 199 38.19 28.99 -1.24
C GLU B 199 38.90 27.82 -0.56
C GLU B 199 38.93 27.91 -0.46
N ALA B 200 38.19 27.16 0.37
CA ALA B 200 38.75 26.05 1.10
C ALA B 200 38.97 24.83 0.20
N GLY B 201 38.42 24.89 -1.00
CA GLY B 201 38.61 23.82 -1.98
C GLY B 201 37.43 22.88 -2.16
N ALA B 202 36.27 23.23 -1.59
CA ALA B 202 35.11 22.35 -1.76
C ALA B 202 34.78 22.14 -3.24
N ASP B 203 34.42 20.90 -3.60
CA ASP B 203 34.07 20.59 -4.97
C ASP B 203 32.58 20.81 -5.22
N ALA B 204 31.84 21.04 -4.14
CA ALA B 204 30.44 21.44 -4.19
C ALA B 204 30.07 21.92 -2.81
N VAL B 205 29.01 22.73 -2.72
CA VAL B 205 28.50 23.14 -1.43
C VAL B 205 27.07 22.68 -1.27
N LYS B 206 26.63 22.50 -0.03
CA LYS B 206 25.26 22.04 0.22
C LYS B 206 24.53 23.15 0.97
N VAL B 207 23.37 23.51 0.44
CA VAL B 207 22.62 24.69 0.88
C VAL B 207 21.39 24.28 1.66
N GLY B 208 21.23 24.81 2.86
CA GLY B 208 20.02 24.57 3.62
C GLY B 208 20.22 24.69 5.12
N ILE B 209 19.71 25.76 5.71
CA ILE B 209 19.76 25.92 7.16
C ILE B 209 18.31 26.01 7.65
N GLY B 210 17.81 24.89 8.16
CA GLY B 210 16.44 24.83 8.69
C GLY B 210 15.21 24.46 7.84
N PRO B 211 15.34 24.22 6.51
CA PRO B 211 14.08 23.98 5.81
C PRO B 211 13.59 22.53 5.89
N GLY B 212 14.42 21.63 6.42
CA GLY B 212 14.08 20.22 6.41
C GLY B 212 12.75 19.94 7.11
N SER B 213 11.98 19.00 6.57
CA SER B 213 10.67 18.64 7.12
C SER B 213 10.69 18.38 8.63
N ILE B 214 11.70 17.67 9.13
CA ILE B 214 11.76 17.31 10.55
C ILE B 214 12.65 18.21 11.40
N CYS B 215 13.21 19.24 10.76
CA CYS B 215 14.17 20.13 11.40
C CYS B 215 13.50 21.21 12.24
N THR B 216 14.10 21.56 13.37
CA THR B 216 13.54 22.62 14.22
C THR B 216 14.54 23.72 14.51
N THR B 217 15.65 23.74 13.76
CA THR B 217 16.68 24.76 13.93
C THR B 217 16.11 26.18 13.92
N ARG B 218 15.23 26.47 12.97
CA ARG B 218 14.71 27.82 12.86
C ARG B 218 13.83 28.19 14.06
N ILE B 219 13.26 27.19 14.73
CA ILE B 219 12.41 27.46 15.89
C ILE B 219 13.23 27.54 17.19
N VAL B 220 14.13 26.59 17.38
CA VAL B 220 14.93 26.46 18.59
C VAL B 220 16.02 27.52 18.69
N ALA B 221 16.64 27.83 17.54
CA ALA B 221 17.73 28.81 17.50
C ALA B 221 17.30 30.14 16.85
N GLY B 222 16.17 30.13 16.14
CA GLY B 222 15.71 31.35 15.48
C GLY B 222 16.52 31.69 14.24
N VAL B 223 17.26 30.70 13.75
CA VAL B 223 18.25 30.90 12.68
C VAL B 223 17.88 30.18 11.37
N GLY B 224 18.03 30.88 10.25
CA GLY B 224 17.85 30.23 8.95
C GLY B 224 17.51 31.21 7.85
N VAL B 225 17.47 30.73 6.62
CA VAL B 225 17.11 31.53 5.45
C VAL B 225 16.15 30.73 4.56
N PRO B 226 14.96 31.28 4.28
CA PRO B 226 14.00 30.65 3.36
C PRO B 226 14.72 30.12 2.13
N GLN B 227 14.41 28.89 1.73
CA GLN B 227 15.32 28.12 0.92
C GLN B 227 15.52 28.66 -0.51
N ILE B 228 14.49 29.26 -1.10
CA ILE B 228 14.65 29.77 -2.47
C ILE B 228 15.67 30.92 -2.50
N SER B 229 15.59 31.83 -1.55
CA SER B 229 16.55 32.91 -1.49
C SER B 229 17.94 32.40 -1.12
N ALA B 230 18.01 31.40 -0.23
CA ALA B 230 19.30 30.81 0.13
C ALA B 230 20.00 30.23 -1.11
N ILE B 231 19.27 29.41 -1.86
CA ILE B 231 19.79 28.86 -3.11
C ILE B 231 20.26 29.97 -4.06
N ALA B 232 19.41 30.98 -4.28
CA ALA B 232 19.76 32.03 -5.24
C ALA B 232 20.97 32.84 -4.79
N ASN B 233 21.08 33.10 -3.50
CA ASN B 233 22.21 33.88 -3.01
C ASN B 233 23.51 33.09 -3.16
N VAL B 234 23.45 31.79 -2.88
CA VAL B 234 24.63 30.93 -3.02
C VAL B 234 24.97 30.81 -4.51
N ALA B 235 23.97 30.63 -5.37
CA ALA B 235 24.22 30.46 -6.81
C ALA B 235 24.91 31.67 -7.40
N ALA B 236 24.48 32.88 -7.02
CA ALA B 236 25.12 34.11 -7.48
C ALA B 236 26.58 34.18 -7.05
N ALA B 237 26.84 33.82 -5.80
CA ALA B 237 28.20 33.86 -5.27
C ALA B 237 29.10 32.87 -5.98
N LEU B 238 28.53 31.74 -6.42
CA LEU B 238 29.35 30.69 -7.03
C LEU B 238 29.44 30.80 -8.54
N GLU B 239 28.77 31.79 -9.13
CA GLU B 239 28.90 32.02 -10.57
C GLU B 239 30.37 32.22 -10.88
N GLY B 240 30.90 31.37 -11.76
CA GLY B 240 32.28 31.44 -12.22
C GLY B 240 33.32 30.74 -11.36
N THR B 241 32.88 30.02 -10.34
CA THR B 241 33.80 29.33 -9.45
C THR B 241 34.04 27.91 -9.93
N GLY B 242 33.14 27.43 -10.79
CA GLY B 242 33.12 26.02 -11.18
C GLY B 242 32.49 25.11 -10.12
N VAL B 243 32.02 25.68 -9.01
CA VAL B 243 31.51 24.87 -7.89
C VAL B 243 29.96 24.74 -7.91
N PRO B 244 29.44 23.52 -8.10
CA PRO B 244 27.98 23.29 -8.03
C PRO B 244 27.40 23.46 -6.63
N LEU B 245 26.10 23.69 -6.53
CA LEU B 245 25.45 23.72 -5.22
C LEU B 245 24.27 22.76 -5.18
N ILE B 246 24.13 22.11 -4.04
CA ILE B 246 23.10 21.10 -3.79
C ILE B 246 22.05 21.73 -2.88
N ALA B 247 20.80 21.72 -3.30
CA ALA B 247 19.73 22.33 -2.50
C ALA B 247 19.14 21.25 -1.60
N ASP B 248 19.43 21.36 -0.31
CA ASP B 248 19.13 20.31 0.68
C ASP B 248 17.99 20.70 1.62
N GLY B 249 16.84 20.05 1.48
CA GLY B 249 15.74 20.22 2.43
C GLY B 249 14.57 21.07 1.95
N GLY B 250 13.37 20.74 2.46
CA GLY B 250 12.20 21.55 2.20
C GLY B 250 11.37 21.19 0.97
N ILE B 251 11.85 20.24 0.18
CA ILE B 251 11.12 19.78 -1.00
C ILE B 251 9.95 18.87 -0.62
N ARG B 252 8.74 19.24 -1.04
CA ARG B 252 7.55 18.49 -0.70
C ARG B 252 6.82 17.99 -1.94
N PHE B 253 6.92 18.76 -3.02
CA PHE B 253 6.25 18.47 -4.29
C PHE B 253 7.27 18.50 -5.42
N SER B 254 6.98 17.84 -6.53
CA SER B 254 7.90 17.89 -7.66
C SER B 254 8.08 19.32 -8.15
N GLY B 255 7.05 20.15 -7.95
CA GLY B 255 7.14 21.54 -8.35
C GLY B 255 8.21 22.30 -7.59
N ASP B 256 8.44 21.92 -6.34
CA ASP B 256 9.50 22.52 -5.52
C ASP B 256 10.87 22.25 -6.12
N LEU B 257 11.05 21.04 -6.62
CA LEU B 257 12.31 20.65 -7.25
C LEU B 257 12.59 21.55 -8.46
N ALA B 258 11.56 21.76 -9.28
CA ALA B 258 11.69 22.65 -10.44
C ALA B 258 12.09 24.05 -10.00
N LYS B 259 11.42 24.56 -8.98
CA LYS B 259 11.74 25.89 -8.47
C LYS B 259 13.17 25.97 -7.96
N ALA B 260 13.60 24.93 -7.23
CA ALA B 260 14.96 24.94 -6.68
C ALA B 260 16.01 25.04 -7.80
N MET B 261 15.79 24.32 -8.89
CA MET B 261 16.70 24.36 -10.04
C MET B 261 16.76 25.74 -10.67
N VAL B 262 15.61 26.38 -10.88
CA VAL B 262 15.58 27.70 -11.52
C VAL B 262 16.19 28.75 -10.59
N ALA B 263 16.15 28.50 -9.28
CA ALA B 263 16.77 29.41 -8.33
C ALA B 263 18.30 29.27 -8.36
N GLY B 264 18.79 28.22 -9.02
CA GLY B 264 20.21 28.08 -9.24
C GLY B 264 20.83 26.77 -8.79
N ALA B 265 20.05 25.89 -8.16
CA ALA B 265 20.58 24.60 -7.73
C ALA B 265 21.01 23.71 -8.90
N TYR B 266 22.05 22.92 -8.70
CA TYR B 266 22.50 21.90 -9.66
C TYR B 266 21.80 20.57 -9.41
N CYS B 267 21.47 20.32 -8.15
CA CYS B 267 20.69 19.15 -7.81
CA CYS B 267 20.84 19.07 -7.70
C CYS B 267 20.07 19.37 -6.44
N VAL B 268 19.21 18.44 -6.04
CA VAL B 268 18.47 18.60 -4.78
C VAL B 268 18.67 17.37 -3.90
N MET B 269 18.80 17.58 -2.60
CA MET B 269 18.88 16.49 -1.62
C MET B 269 17.55 16.42 -0.89
N MET B 270 17.01 15.20 -0.75
CA MET B 270 15.76 15.00 -0.02
C MET B 270 15.87 13.87 1.00
N GLY B 271 15.12 14.01 2.09
CA GLY B 271 15.02 12.98 3.10
C GLY B 271 13.60 12.42 3.16
N SER B 272 12.64 13.26 3.56
CA SER B 272 11.25 12.84 3.73
CA SER B 272 11.26 12.79 3.75
C SER B 272 10.68 12.11 2.50
N MET B 273 11.02 12.62 1.32
CA MET B 273 10.52 12.05 0.06
CA MET B 273 10.49 12.05 0.09
C MET B 273 11.01 10.61 -0.15
N PHE B 274 12.14 10.27 0.46
CA PHE B 274 12.74 8.95 0.23
C PHE B 274 12.58 7.98 1.40
N ALA B 275 12.27 8.51 2.58
CA ALA B 275 12.22 7.69 3.79
C ALA B 275 11.10 6.65 3.73
N GLY B 276 10.08 6.94 2.93
CA GLY B 276 8.92 6.08 2.83
C GLY B 276 9.05 5.02 1.75
N THR B 277 10.23 4.91 1.14
CA THR B 277 10.41 3.94 0.06
C THR B 277 10.80 2.60 0.61
N GLU B 278 10.57 1.55 -0.18
CA GLU B 278 10.96 0.19 0.16
C GLU B 278 12.46 0.07 0.43
N GLU B 279 13.28 0.81 -0.31
CA GLU B 279 14.73 0.71 -0.18
C GLU B 279 15.29 1.40 1.08
N ALA B 280 14.55 2.35 1.64
CA ALA B 280 15.01 3.03 2.84
C ALA B 280 15.04 2.05 4.02
N PRO B 281 15.89 2.33 5.03
CA PRO B 281 15.89 1.53 6.26
C PRO B 281 14.52 1.45 6.92
N GLY B 282 14.30 0.42 7.74
CA GLY B 282 13.09 0.32 8.54
C GLY B 282 11.99 -0.48 7.86
N GLU B 283 10.96 -0.84 8.62
CA GLU B 283 9.85 -1.61 8.07
C GLU B 283 8.55 -0.82 8.09
N ILE B 284 7.56 -1.32 7.35
CA ILE B 284 6.25 -0.67 7.27
C ILE B 284 5.50 -0.73 8.61
N GLU B 285 4.97 0.41 9.03
CA GLU B 285 4.09 0.47 10.19
C GLU B 285 2.68 0.83 9.76
N LEU B 286 1.69 0.08 10.24
CA LEU B 286 0.30 0.36 9.93
C LEU B 286 -0.35 1.20 11.02
N PHE B 287 -1.13 2.21 10.61
CA PHE B 287 -1.77 3.09 11.58
C PHE B 287 -2.97 3.80 10.97
N GLN B 288 -4.15 3.52 11.52
CA GLN B 288 -5.41 4.15 11.13
C GLN B 288 -5.67 4.08 9.62
N GLY B 289 -5.53 2.88 9.06
CA GLY B 289 -5.89 2.64 7.68
C GLY B 289 -4.79 2.89 6.66
N ARG B 290 -3.69 3.50 7.09
CA ARG B 290 -2.57 3.76 6.18
C ARG B 290 -1.31 3.03 6.62
N SER B 291 -0.33 3.03 5.73
CA SER B 291 0.97 2.42 6.00
C SER B 291 2.08 3.48 6.03
N TYR B 292 3.05 3.28 6.92
CA TYR B 292 4.08 4.29 7.17
C TYR B 292 5.47 3.68 7.32
N LYS B 293 6.50 4.52 7.19
CA LYS B 293 7.84 4.16 7.64
C LYS B 293 8.40 5.30 8.47
N SER B 294 9.36 4.99 9.34
CA SER B 294 9.87 5.97 10.31
C SER B 294 10.83 6.97 9.66
N TYR B 295 10.82 8.19 10.21
CA TYR B 295 11.68 9.26 9.71
C TYR B 295 12.02 10.18 10.86
N ARG B 296 13.31 10.38 11.12
CA ARG B 296 13.71 11.24 12.23
C ARG B 296 14.92 12.09 11.90
N GLY B 297 15.03 13.24 12.55
CA GLY B 297 16.16 14.14 12.35
C GLY B 297 17.40 13.56 12.99
N MET B 298 18.56 13.91 12.44
CA MET B 298 19.82 13.41 12.96
C MET B 298 20.25 14.19 14.19
N GLY B 299 19.58 15.30 14.46
CA GLY B 299 19.77 16.04 15.69
C GLY B 299 18.61 15.79 16.64
N PRO B 327 17.83 19.49 21.43
CA PRO B 327 17.63 18.92 20.08
C PRO B 327 17.27 20.01 19.05
N GLU B 328 17.61 19.77 17.78
CA GLU B 328 17.18 20.64 16.68
C GLU B 328 16.41 19.85 15.62
N GLY B 329 15.79 18.75 16.05
CA GLY B 329 14.95 17.93 15.19
C GLY B 329 14.01 17.07 16.03
N ILE B 330 12.99 16.49 15.39
CA ILE B 330 12.07 15.60 16.09
C ILE B 330 11.97 14.26 15.38
N GLU B 331 11.07 13.40 15.84
CA GLU B 331 10.93 12.05 15.32
C GLU B 331 9.51 11.79 14.82
N GLY B 332 9.37 11.10 13.70
CA GLY B 332 8.06 10.83 13.15
C GLY B 332 8.01 9.68 12.17
N ARG B 333 6.98 9.68 11.34
CA ARG B 333 6.86 8.70 10.28
C ARG B 333 6.18 9.28 9.04
N VAL B 334 6.44 8.68 7.89
CA VAL B 334 5.92 9.17 6.62
C VAL B 334 5.18 8.05 5.89
N PRO B 335 4.22 8.42 5.03
CA PRO B 335 3.47 7.39 4.29
C PRO B 335 4.39 6.47 3.48
N TYR B 336 4.11 5.17 3.48
CA TYR B 336 4.83 4.22 2.64
C TYR B 336 4.56 4.54 1.19
N LYS B 337 5.60 4.51 0.35
CA LYS B 337 5.49 4.94 -1.03
CA LYS B 337 5.44 4.93 -1.03
C LYS B 337 5.87 3.86 -2.05
N GLY B 338 6.27 2.70 -1.55
CA GLY B 338 6.66 1.61 -2.43
C GLY B 338 8.08 1.74 -2.98
N ALA B 339 8.28 1.30 -4.22
CA ALA B 339 9.61 1.31 -4.81
C ALA B 339 10.12 2.72 -5.05
N LEU B 340 11.41 2.92 -4.80
CA LEU B 340 12.05 4.20 -5.07
C LEU B 340 11.87 4.64 -6.51
N SER B 341 11.91 3.67 -7.43
CA SER B 341 11.81 3.95 -8.86
C SER B 341 10.53 4.74 -9.19
N ALA B 342 9.45 4.45 -8.47
CA ALA B 342 8.17 5.12 -8.70
C ALA B 342 8.24 6.60 -8.30
N ILE B 343 8.82 6.87 -7.14
CA ILE B 343 8.96 8.24 -6.64
C ILE B 343 9.82 9.05 -7.60
N VAL B 344 10.94 8.46 -8.00
CA VAL B 344 11.85 9.11 -8.93
C VAL B 344 11.15 9.44 -10.24
N HIS B 345 10.37 8.49 -10.74
CA HIS B 345 9.67 8.70 -11.99
C HIS B 345 8.74 9.91 -11.91
N GLN B 346 7.99 10.01 -10.82
CA GLN B 346 7.06 11.12 -10.62
C GLN B 346 7.80 12.45 -10.47
N LEU B 347 8.86 12.45 -9.68
CA LEU B 347 9.65 13.67 -9.48
C LEU B 347 10.20 14.16 -10.81
N MET B 348 10.78 13.23 -11.57
CA MET B 348 11.39 13.59 -12.84
C MET B 348 10.35 13.96 -13.89
N GLY B 349 9.17 13.36 -13.81
CA GLY B 349 8.09 13.74 -14.69
C GLY B 349 7.66 15.19 -14.44
N GLY B 350 7.62 15.55 -13.17
CA GLY B 350 7.26 16.91 -12.78
C GLY B 350 8.32 17.89 -13.26
N LEU B 351 9.60 17.51 -13.10
CA LEU B 351 10.67 18.39 -13.54
C LEU B 351 10.64 18.55 -15.07
N ARG B 352 10.47 17.44 -15.78
CA ARG B 352 10.37 17.51 -17.26
C ARG B 352 9.23 18.42 -17.71
N ALA B 353 8.09 18.30 -17.04
CA ALA B 353 6.95 19.17 -17.36
C ALA B 353 7.32 20.63 -17.16
N ALA B 354 7.98 20.95 -16.05
CA ALA B 354 8.39 22.33 -15.78
C ALA B 354 9.35 22.82 -16.84
N MET B 355 10.27 21.97 -17.25
CA MET B 355 11.20 22.36 -18.29
C MET B 355 10.48 22.55 -19.62
N GLY B 356 9.47 21.73 -19.88
CA GLY B 356 8.62 21.91 -21.05
C GLY B 356 7.93 23.27 -21.03
N TYR B 357 7.36 23.63 -19.89
CA TYR B 357 6.65 24.91 -19.70
C TYR B 357 7.54 26.14 -19.83
N THR B 358 8.76 26.04 -19.33
CA THR B 358 9.68 27.19 -19.36
C THR B 358 10.49 27.26 -20.65
N GLY B 359 10.44 26.20 -21.45
CA GLY B 359 11.18 26.12 -22.69
C GLY B 359 12.67 25.88 -22.47
N SER B 360 12.98 25.17 -21.40
CA SER B 360 14.36 24.80 -21.06
C SER B 360 14.70 23.40 -21.57
N ALA B 361 15.70 23.31 -22.45
CA ALA B 361 16.02 22.05 -23.10
C ALA B 361 16.97 21.21 -22.28
N ASP B 362 17.63 21.85 -21.31
CA ASP B 362 18.56 21.12 -20.46
C ASP B 362 18.68 21.82 -19.09
N ILE B 363 19.46 21.25 -18.18
CA ILE B 363 19.52 21.76 -16.81
C ILE B 363 20.25 23.10 -16.78
N GLN B 364 21.29 23.25 -17.59
CA GLN B 364 22.03 24.51 -17.61
C GLN B 364 21.11 25.69 -17.97
N GLN B 365 20.22 25.47 -18.93
CA GLN B 365 19.25 26.51 -19.29
C GLN B 365 18.23 26.71 -18.16
N MET B 366 17.74 25.61 -17.60
CA MET B 366 16.77 25.69 -16.52
C MET B 366 17.29 26.51 -15.32
N ARG B 367 18.57 26.34 -15.00
CA ARG B 367 19.18 27.07 -13.88
CA ARG B 367 19.20 27.05 -13.89
C ARG B 367 19.36 28.54 -14.17
N THR B 368 19.50 28.91 -15.43
CA THR B 368 19.96 30.27 -15.72
C THR B 368 19.00 31.18 -16.47
N GLN B 369 17.94 30.63 -17.07
CA GLN B 369 17.11 31.44 -17.95
C GLN B 369 15.68 31.74 -17.47
N PRO B 370 14.93 30.74 -16.96
CA PRO B 370 13.54 31.07 -16.63
C PRO B 370 13.38 32.06 -15.48
N GLN B 371 12.17 32.63 -15.40
CA GLN B 371 11.85 33.64 -14.39
C GLN B 371 10.79 33.17 -13.41
N PHE B 372 10.75 33.78 -12.24
CA PHE B 372 9.65 33.61 -11.29
C PHE B 372 8.68 34.79 -11.29
N VAL B 373 7.44 34.55 -10.84
CA VAL B 373 6.65 35.62 -10.25
C VAL B 373 6.59 35.38 -8.75
N ARG B 374 6.57 36.46 -7.98
CA ARG B 374 6.29 36.35 -6.56
C ARG B 374 4.78 36.34 -6.36
N ILE B 375 4.30 35.45 -5.49
CA ILE B 375 2.86 35.32 -5.29
C ILE B 375 2.47 35.54 -3.82
N THR B 376 1.18 35.72 -3.57
CA THR B 376 0.69 35.90 -2.20
C THR B 376 0.12 34.58 -1.68
N GLY B 377 -0.41 34.60 -0.47
CA GLY B 377 -1.15 33.46 0.07
C GLY B 377 -2.34 33.05 -0.78
N ALA B 378 -3.08 34.03 -1.32
CA ALA B 378 -4.20 33.68 -2.19
C ALA B 378 -3.72 33.05 -3.48
N GLY B 379 -2.58 33.53 -3.99
CA GLY B 379 -1.97 32.90 -5.15
C GLY B 379 -1.64 31.43 -4.94
N MET B 380 -1.13 31.09 -3.77
CA MET B 380 -0.80 29.71 -3.45
C MET B 380 -2.08 28.87 -3.27
N ALA B 381 -3.11 29.49 -2.68
CA ALA B 381 -4.39 28.80 -2.51
C ALA B 381 -5.01 28.43 -3.86
N GLU B 382 -4.86 29.33 -4.83
CA GLU B 382 -5.33 29.07 -6.18
C GLU B 382 -4.51 27.98 -6.89
N SER B 383 -3.26 27.85 -6.49
CA SER B 383 -2.35 26.88 -7.12
C SER B 383 -2.71 25.45 -6.72
N HIS B 384 -3.07 25.29 -5.45
CA HIS B 384 -3.53 23.99 -4.95
C HIS B 384 -4.90 23.70 -5.53
N VAL B 385 -5.35 22.45 -5.40
CA VAL B 385 -6.74 22.15 -5.69
C VAL B 385 -7.63 22.95 -4.74
N HIS B 386 -8.72 23.52 -5.24
CA HIS B 386 -9.57 24.35 -4.41
C HIS B 386 -11.03 24.26 -4.84
N ASP B 387 -11.94 24.39 -3.87
CA ASP B 387 -13.38 24.54 -4.11
C ASP B 387 -14.07 23.34 -4.77
N VAL B 388 -13.43 22.17 -4.68
CA VAL B 388 -14.02 20.94 -5.17
C VAL B 388 -13.65 19.82 -4.18
N GLN B 389 -14.63 18.98 -3.84
CA GLN B 389 -14.37 17.86 -2.94
CA GLN B 389 -14.36 17.87 -2.94
C GLN B 389 -13.68 16.72 -3.69
N ILE B 390 -12.42 16.48 -3.37
CA ILE B 390 -11.65 15.42 -4.01
C ILE B 390 -12.19 14.04 -3.62
N THR B 391 -12.27 13.13 -4.58
CA THR B 391 -12.69 11.77 -4.31
C THR B 391 -11.58 10.80 -4.62
N LYS B 392 -10.78 11.12 -5.64
CA LYS B 392 -9.61 10.33 -6.01
C LYS B 392 -8.41 11.26 -6.25
N GLU B 393 -7.37 11.11 -5.44
CA GLU B 393 -6.18 11.95 -5.60
C GLU B 393 -5.12 11.24 -6.45
N ALA B 394 -3.98 11.89 -6.61
CA ALA B 394 -2.98 11.41 -7.56
C ALA B 394 -1.70 11.05 -6.82
N PRO B 395 -0.88 10.16 -7.40
CA PRO B 395 0.37 9.78 -6.74
C PRO B 395 1.30 10.96 -6.47
N ASN B 396 1.24 11.98 -7.32
CA ASN B 396 2.09 13.16 -7.14
C ASN B 396 1.36 14.34 -6.47
N TYR B 397 0.22 14.07 -5.86
CA TYR B 397 -0.55 15.10 -5.17
C TYR B 397 -1.49 14.53 -4.09
N ARG B 398 -1.08 14.62 -2.84
CA ARG B 398 -1.91 14.20 -1.71
C ARG B 398 -2.25 15.40 -0.82
#